data_9L07
#
_entry.id   9L07
#
_cell.length_a   1.00
_cell.length_b   1.00
_cell.length_c   1.00
_cell.angle_alpha   90.00
_cell.angle_beta   90.00
_cell.angle_gamma   90.00
#
_symmetry.space_group_name_H-M   'P 1'
#
loop_
_entity.id
_entity.type
_entity.pdbx_description
1 polymer 'Spike glycoprotein'
2 polymer 'XGi-203 light chain'
3 polymer 'XGi-203 heavy chain'
#
loop_
_entity_poly.entity_id
_entity_poly.type
_entity_poly.pdbx_seq_one_letter_code
_entity_poly.pdbx_strand_id
1 'polypeptide(L)'
;MPMGSLQPLATLYLLGMLVASVLAQCVNLITRTQSYTNSFTRGVYYPDKVFRSSVLHSTHDLFLPFFSNVTWFHAIHVSG
TNGTKRFDNPALPFNDGVYFASTEKSNIIRGWIFGTTLDSKTQSLLIVNNATNVVIKVCEFQFCNDPFLDVYQKNNKSWM
ESEFRVYSSANNCTFEYVSQPFLMDLEGKEGNFKNLREFVFKNIDGYFKIYSKHTPINLERDLPQGFSALEPLVDLPIGI
NITRFQTLLALHRSYLTPVDSSSGWTAGAAAYYVGYLQPRTFLLKYNENGTITDAVDCALDPLSETKCTLKSFTVEKGIY
QTSNFRVQPTESIVRFPNITNLCPFHEVFNATTFASVYAWNRKRISNCVADYSVIYNFAPFFAFKCYGVSPTKLNDLCFT
NVYADSFVIRGNEVSQIAPGQTGNIADYNYKLPDDFTGCVIAWNSNKLDSKPSGNYNYLYRLLRKSKLKPFERDISTEIY
QAGNKPCNGVAGPNCYSPLQSYGFRPTYGVGHQPYRVVVLSFELLHAPATVCGPKKSTNLVKNKCVNFNFNGLTGTGVLT
ESNKKFLPFQQFGRDIADTTDAVRDPQTLEILDITPCSFGGVSVITPGTNTSNQVAVLYQGVNCTEVPVAIHADQLTPTW
RVYSTGSNVFQTRAGCLIGAEYVNNSYECDIPIGAGICASYQTQTKSHGSASSVASQSIIAYTMSLGAENSVAYSNNSIA
IPTNFTISVTTEILPVSMTKTSVDCTMYICGDSTECSNLLLQYGSFCTQLKRALTGIAVEQDKNTQEVFAQVKQIYKTPP
IKYFGGFNFSQILPDPSKPSKRSPIEDLLFNKVTLADAGFIKQYGDCLGDIAARDLICAQKFNGLTVLPPLLTDEMIAQY
TSALLAGTITSGWTFGAGPALQIPFPMQMAYRFNGIGVTQNVLYENQKLIANQFNSAIGKIQDSLSSTPSALGKLQDVVN
HNAQALNTLVKQLSSKFGAISSVLNDILSRLDPPEAEVQIDRLITGRLQSLQTYVTQQLIRAAEIRASANLAATKMSECV
LGQSKRVDFCGKGYHLMSFPQSAPHGVVFLHVTYVPAQEKNFTTAPAICHDGKAHFPREGVFVSNGTHWFVTQRNFYEPQ
IITTDNTFVSGNCDVVIGIVNNTVYDPLQPELDSFKEELDKYFKNHTSPDVDLGDISGINASVVNIQKEIDRLNEVAKNL
NESLIDLQELGKYEQGSGYIPEAPRDGQAYVRKDGEWVFLSTFLSGLEVLFQGPGGWSHPQFEKGGGSGGGSGGSAWSHP
QFEKGGSHHHHHHHH
;
A
2 'polypeptide(L)'
;EFMLTQPHSVSESPEMTVTISCTGSSGSIADNYVQWYQQRPGSAPTTVIYENYQRPSGVPNRFSGSIDSSSNSASLTISG
LKTEDEADYYCQSYDNSNVAVFGGGTQLTVLGQPKAAPSVTLFPPSSEELQANKATLVCLISDFYPGAVTVAWKADSSPV
KAGVETTTPSKQSNNKYAASSYLSLTPEQWKSHRSYSCQVTHEGSTVEKTVAPTECS
;
L
3 'polypeptide(L)'
;QVQLQESGPGLVSPSQTLSLTCTVSGGSIRNEVYYWSWIRQPPGKGLEWIGYIHYSGNTYYNPSLKSRVAISVDTSKNQF
SLKLNSVTAADTAVYYCARVSVGGRLVSTFDYWGQGTLVTVASASTKGPSVFPLAPSSKSTSGGTAALGCLVKDYFPEPV
TVSWNSGALTSGVHTFPAVLQSSGLYSLSSVVTVPSSSLGTQTYICNVNHKPSNTKVDKRVEPKSCDKTHTCPPCPAPEL
LGGPSVFLFPPKPKDTLMISRTPEVTCVVVDVSHEDPEVKFNWYVDGVEVHNAKTKPREEQYNSTYRVVSVLTVLHQDWL
NGKEYKCKVSNKALPAPIEKTISKAKGQPREPQVYTLPPSREEMTKNQVSLTCLVKGFYPSDIAVEWESNGQPENNYKTT
PPVLDSDGSFFLYSKLTVDKSRWQQGNVFSCSVMHEALHNHYTQKSLSLSPGK
;
H
#
# COMPACT_ATOMS: atom_id res chain seq x y z
N THR A 340 -21.50 -47.27 3.53
CA THR A 340 -20.98 -46.12 2.80
C THR A 340 -21.16 -44.83 3.58
N ASN A 341 -20.07 -44.10 3.77
CA ASN A 341 -20.08 -42.84 4.50
C ASN A 341 -18.80 -42.08 4.17
N LEU A 342 -18.86 -40.76 4.36
CA LEU A 342 -17.73 -39.89 4.03
C LEU A 342 -16.62 -40.06 5.06
N CYS A 343 -15.38 -40.13 4.60
CA CYS A 343 -14.25 -40.23 5.50
C CYS A 343 -14.07 -38.91 6.26
N PRO A 344 -13.52 -38.97 7.47
CA PRO A 344 -13.35 -37.74 8.26
C PRO A 344 -12.10 -36.97 7.90
N PHE A 345 -11.85 -36.75 6.61
CA PHE A 345 -10.71 -35.94 6.20
C PHE A 345 -10.87 -34.49 6.66
N HIS A 346 -12.09 -33.96 6.61
CA HIS A 346 -12.33 -32.61 7.07
C HIS A 346 -11.97 -32.45 8.55
N GLU A 347 -12.34 -33.44 9.36
CA GLU A 347 -12.01 -33.40 10.78
C GLU A 347 -10.51 -33.47 11.03
N VAL A 348 -9.77 -34.11 10.13
CA VAL A 348 -8.31 -34.14 10.26
C VAL A 348 -7.71 -32.79 9.86
N PHE A 349 -8.28 -32.18 8.81
CA PHE A 349 -7.72 -30.93 8.31
C PHE A 349 -8.11 -29.74 9.19
N ASN A 350 -9.38 -29.65 9.57
CA ASN A 350 -9.86 -28.48 10.31
C ASN A 350 -9.58 -28.56 11.81
N ALA A 351 -8.70 -29.45 12.24
CA ALA A 351 -8.40 -29.60 13.66
C ALA A 351 -7.92 -28.28 14.26
N THR A 352 -8.46 -27.95 15.43
CA THR A 352 -8.12 -26.68 16.06
C THR A 352 -6.70 -26.70 16.60
N THR A 353 -6.34 -27.75 17.34
CA THR A 353 -5.02 -27.87 17.95
C THR A 353 -4.24 -28.95 17.23
N PHE A 354 -3.15 -28.55 16.58
CA PHE A 354 -2.27 -29.48 15.88
C PHE A 354 -1.10 -29.90 16.77
N ALA A 355 -0.55 -31.07 16.48
CA ALA A 355 0.57 -31.59 17.24
C ALA A 355 1.90 -31.12 16.64
N SER A 356 2.93 -31.13 17.47
CA SER A 356 4.26 -30.72 17.01
C SER A 356 4.83 -31.78 16.07
N VAL A 357 5.97 -31.44 15.46
CA VAL A 357 6.58 -32.33 14.49
C VAL A 357 7.27 -33.51 15.15
N TYR A 358 7.76 -33.35 16.39
CA TYR A 358 8.38 -34.47 17.09
C TYR A 358 7.37 -35.41 17.69
N ALA A 359 6.12 -34.97 17.83
CA ALA A 359 5.03 -35.80 18.36
C ALA A 359 3.83 -35.74 17.43
N TRP A 360 4.07 -35.92 16.13
CA TRP A 360 3.02 -35.81 15.13
C TRP A 360 1.95 -36.88 15.35
N ASN A 361 0.69 -36.46 15.25
CA ASN A 361 -0.43 -37.36 15.46
C ASN A 361 -0.61 -38.27 14.25
N ARG A 362 -1.27 -39.40 14.48
CA ARG A 362 -1.54 -40.37 13.44
C ARG A 362 -2.99 -40.82 13.52
N LYS A 363 -3.71 -40.71 12.41
CA LYS A 363 -5.09 -41.17 12.33
C LYS A 363 -5.24 -42.16 11.19
N ARG A 364 -5.85 -43.29 11.49
CA ARG A 364 -6.04 -44.37 10.53
C ARG A 364 -7.44 -44.25 9.93
N ILE A 365 -7.50 -44.04 8.61
CA ILE A 365 -8.75 -43.89 7.88
C ILE A 365 -9.14 -45.25 7.32
N SER A 366 -10.33 -45.73 7.67
CA SER A 366 -10.80 -47.03 7.22
C SER A 366 -12.32 -47.07 7.29
N ASN A 367 -12.90 -47.91 6.43
CA ASN A 367 -14.35 -48.15 6.40
C ASN A 367 -15.12 -46.87 6.13
N CYS A 368 -14.80 -46.22 5.02
CA CYS A 368 -15.48 -45.00 4.61
C CYS A 368 -15.19 -44.75 3.14
N VAL A 369 -15.95 -43.83 2.56
CA VAL A 369 -15.81 -43.46 1.15
C VAL A 369 -14.72 -42.39 1.05
N ALA A 370 -13.59 -42.74 0.44
CA ALA A 370 -12.44 -41.84 0.34
C ALA A 370 -12.71 -40.82 -0.77
N ASP A 371 -13.48 -39.78 -0.43
CA ASP A 371 -13.77 -38.69 -1.34
C ASP A 371 -12.76 -37.58 -1.11
N TYR A 372 -11.67 -37.61 -1.89
CA TYR A 372 -10.59 -36.65 -1.71
C TYR A 372 -10.94 -35.27 -2.27
N SER A 373 -12.13 -35.08 -2.82
CA SER A 373 -12.53 -33.77 -3.32
C SER A 373 -12.71 -32.76 -2.20
N VAL A 374 -12.91 -33.21 -0.97
CA VAL A 374 -13.10 -32.30 0.16
C VAL A 374 -11.80 -31.62 0.58
N ILE A 375 -10.66 -32.09 0.08
CA ILE A 375 -9.38 -31.46 0.43
C ILE A 375 -9.27 -30.08 -0.20
N TYR A 376 -9.75 -29.94 -1.44
CA TYR A 376 -9.68 -28.68 -2.17
C TYR A 376 -10.58 -27.60 -1.61
N ASN A 377 -11.36 -27.85 -0.56
CA ASN A 377 -12.21 -26.81 0.00
C ASN A 377 -11.42 -25.79 0.82
N PHE A 378 -10.15 -26.06 1.11
CA PHE A 378 -9.34 -25.15 1.89
C PHE A 378 -8.63 -24.15 0.98
N ALA A 379 -7.84 -23.26 1.59
CA ALA A 379 -7.13 -22.24 0.85
C ALA A 379 -6.09 -22.87 -0.08
N PRO A 380 -5.62 -22.13 -1.09
CA PRO A 380 -4.54 -22.64 -1.94
C PRO A 380 -3.33 -23.10 -1.14
N PHE A 381 -2.94 -24.35 -1.30
CA PHE A 381 -1.89 -24.92 -0.48
C PHE A 381 -0.51 -24.46 -0.95
N PHE A 382 0.41 -24.39 0.00
CA PHE A 382 1.79 -24.04 -0.31
C PHE A 382 2.51 -25.18 -1.03
N ALA A 383 2.15 -26.42 -0.70
CA ALA A 383 2.74 -27.59 -1.33
C ALA A 383 1.69 -28.70 -1.41
N PHE A 384 1.50 -29.22 -2.61
CA PHE A 384 0.55 -30.29 -2.86
C PHE A 384 1.23 -31.35 -3.73
N LYS A 385 2.46 -31.70 -3.36
CA LYS A 385 3.22 -32.69 -4.11
C LYS A 385 2.74 -34.10 -3.77
N CYS A 386 2.45 -34.87 -4.81
CA CYS A 386 2.01 -36.26 -4.66
C CYS A 386 3.09 -37.18 -5.20
N TYR A 387 3.22 -38.35 -4.58
CA TYR A 387 4.22 -39.34 -4.96
C TYR A 387 3.55 -40.69 -5.13
N GLY A 388 3.87 -41.37 -6.23
CA GLY A 388 3.28 -42.66 -6.54
C GLY A 388 1.86 -42.63 -7.05
N VAL A 389 1.13 -41.53 -6.86
CA VAL A 389 -0.24 -41.40 -7.32
C VAL A 389 -0.41 -40.05 -8.00
N SER A 390 -1.55 -39.89 -8.67
CA SER A 390 -1.88 -38.65 -9.34
C SER A 390 -2.94 -37.89 -8.57
N PRO A 391 -2.76 -36.60 -8.31
CA PRO A 391 -3.77 -35.85 -7.56
C PRO A 391 -5.06 -35.62 -8.34
N THR A 392 -5.05 -35.86 -9.65
CA THR A 392 -6.25 -35.64 -10.45
C THR A 392 -7.24 -36.80 -10.34
N LYS A 393 -6.75 -38.01 -10.03
CA LYS A 393 -7.63 -39.18 -9.99
C LYS A 393 -7.50 -39.95 -8.68
N LEU A 394 -7.44 -39.26 -7.54
CA LEU A 394 -7.38 -39.97 -6.26
C LEU A 394 -8.71 -40.62 -5.92
N ASN A 395 -9.83 -40.03 -6.36
CA ASN A 395 -11.14 -40.57 -6.07
C ASN A 395 -11.45 -41.83 -6.88
N ASP A 396 -10.66 -42.13 -7.90
CA ASP A 396 -10.90 -43.32 -8.72
C ASP A 396 -10.12 -44.53 -8.23
N LEU A 397 -9.04 -44.33 -7.49
CA LEU A 397 -8.25 -45.45 -6.99
C LEU A 397 -8.83 -45.93 -5.66
N CYS A 398 -8.37 -47.12 -5.23
CA CYS A 398 -8.80 -47.70 -3.97
C CYS A 398 -7.56 -48.07 -3.16
N PHE A 399 -7.55 -47.68 -1.89
CA PHE A 399 -6.40 -47.86 -1.02
C PHE A 399 -6.74 -48.80 0.12
N THR A 400 -5.71 -49.47 0.65
CA THR A 400 -5.88 -50.36 1.79
C THR A 400 -5.87 -49.59 3.10
N ASN A 401 -4.75 -48.92 3.40
CA ASN A 401 -4.62 -48.13 4.61
C ASN A 401 -4.32 -46.69 4.25
N VAL A 402 -5.06 -45.77 4.86
CA VAL A 402 -4.89 -44.33 4.65
C VAL A 402 -4.52 -43.72 5.98
N TYR A 403 -3.25 -43.33 6.13
CA TYR A 403 -2.74 -42.70 7.33
C TYR A 403 -2.62 -41.20 7.11
N ALA A 404 -3.17 -40.42 8.03
CA ALA A 404 -3.13 -38.96 7.97
C ALA A 404 -2.23 -38.44 9.07
N ASP A 405 -1.02 -38.02 8.71
CA ASP A 405 -0.06 -37.49 9.66
C ASP A 405 -0.17 -35.97 9.68
N SER A 406 -0.36 -35.41 10.88
CA SER A 406 -0.54 -33.97 11.04
C SER A 406 0.56 -33.42 11.94
N PHE A 407 1.22 -32.37 11.49
CA PHE A 407 2.28 -31.72 12.27
C PHE A 407 2.52 -30.33 11.69
N VAL A 408 2.95 -29.42 12.57
CA VAL A 408 3.23 -28.04 12.20
C VAL A 408 4.73 -27.84 12.18
N ILE A 409 5.24 -27.28 11.08
CA ILE A 409 6.66 -27.05 10.90
C ILE A 409 6.87 -25.61 10.45
N ARG A 410 8.14 -25.28 10.20
CA ARG A 410 8.49 -23.94 9.74
C ARG A 410 8.41 -23.88 8.22
N GLY A 411 8.20 -22.68 7.69
CA GLY A 411 8.05 -22.52 6.25
C GLY A 411 9.29 -22.91 5.47
N ASN A 412 10.48 -22.61 5.99
CA ASN A 412 11.71 -22.98 5.32
C ASN A 412 11.97 -24.48 5.35
N GLU A 413 11.25 -25.22 6.18
CA GLU A 413 11.46 -26.65 6.34
C GLU A 413 10.40 -27.52 5.66
N VAL A 414 9.51 -26.92 4.87
CA VAL A 414 8.47 -27.71 4.20
C VAL A 414 9.07 -28.56 3.09
N SER A 415 10.15 -28.08 2.46
CA SER A 415 10.77 -28.83 1.38
C SER A 415 11.47 -30.09 1.89
N GLN A 416 11.69 -30.22 3.20
CA GLN A 416 12.36 -31.39 3.74
C GLN A 416 11.43 -32.59 3.86
N ILE A 417 10.13 -32.39 3.79
CA ILE A 417 9.17 -33.51 3.88
C ILE A 417 8.92 -33.96 2.45
N ALA A 418 9.72 -34.93 2.02
CA ALA A 418 9.64 -35.51 0.68
C ALA A 418 10.54 -36.73 0.64
N PRO A 419 10.21 -37.73 -0.17
CA PRO A 419 11.06 -38.93 -0.25
C PRO A 419 12.46 -38.60 -0.76
N GLY A 420 13.46 -38.89 0.05
CA GLY A 420 14.84 -38.69 -0.33
C GLY A 420 15.46 -37.38 0.09
N GLN A 421 14.86 -36.67 1.05
CA GLN A 421 15.42 -35.42 1.50
C GLN A 421 16.36 -35.63 2.69
N THR A 422 17.04 -34.55 3.07
CA THR A 422 17.98 -34.60 4.18
C THR A 422 17.98 -33.25 4.88
N GLY A 423 17.84 -33.28 6.21
CA GLY A 423 17.80 -32.07 6.99
C GLY A 423 17.52 -32.39 8.45
N ASN A 424 17.35 -31.33 9.23
CA ASN A 424 17.07 -31.49 10.65
C ASN A 424 15.72 -32.16 10.88
N ILE A 425 14.66 -31.62 10.26
CA ILE A 425 13.33 -32.18 10.43
C ILE A 425 13.23 -33.56 9.79
N ALA A 426 13.93 -33.76 8.66
CA ALA A 426 13.82 -35.02 7.95
C ALA A 426 14.55 -36.14 8.67
N ASP A 427 15.56 -35.80 9.48
CA ASP A 427 16.35 -36.83 10.13
C ASP A 427 15.88 -37.06 11.57
N TYR A 428 15.59 -35.98 12.30
CA TYR A 428 15.31 -36.08 13.72
C TYR A 428 13.84 -35.90 14.09
N ASN A 429 12.99 -35.51 13.14
CA ASN A 429 11.60 -35.22 13.50
C ASN A 429 10.61 -36.08 12.71
N TYR A 430 10.82 -36.21 11.40
CA TYR A 430 9.86 -36.92 10.54
C TYR A 430 10.59 -37.37 9.29
N LYS A 431 10.73 -38.68 9.12
CA LYS A 431 11.43 -39.26 7.98
C LYS A 431 10.46 -40.03 7.11
N LEU A 432 10.30 -39.59 5.86
CA LEU A 432 9.46 -40.31 4.93
C LEU A 432 10.28 -41.41 4.24
N PRO A 433 9.65 -42.56 3.97
CA PRO A 433 10.38 -43.64 3.29
C PRO A 433 10.68 -43.28 1.85
N ASP A 434 11.68 -43.97 1.28
CA ASP A 434 12.03 -43.75 -0.12
C ASP A 434 10.92 -44.19 -1.06
N ASP A 435 10.30 -45.34 -0.78
CA ASP A 435 9.17 -45.83 -1.57
C ASP A 435 7.85 -45.31 -1.03
N PHE A 436 7.75 -44.00 -0.88
CA PHE A 436 6.54 -43.40 -0.32
C PHE A 436 5.47 -43.24 -1.40
N THR A 437 4.23 -43.53 -1.02
CA THR A 437 3.08 -43.39 -1.91
C THR A 437 2.04 -42.53 -1.21
N GLY A 438 1.89 -41.29 -1.66
CA GLY A 438 0.94 -40.38 -1.07
C GLY A 438 1.20 -38.95 -1.50
N CYS A 439 0.49 -38.04 -0.84
CA CYS A 439 0.57 -36.62 -1.14
C CYS A 439 0.99 -35.86 0.11
N VAL A 440 1.80 -34.83 -0.07
CA VAL A 440 2.22 -33.95 1.00
C VAL A 440 1.45 -32.63 0.84
N ILE A 441 0.56 -32.36 1.79
CA ILE A 441 -0.32 -31.19 1.73
C ILE A 441 0.10 -30.24 2.85
N ALA A 442 0.48 -29.02 2.48
CA ALA A 442 0.92 -28.01 3.43
C ALA A 442 0.33 -26.66 3.07
N TRP A 443 -0.10 -25.92 4.08
CA TRP A 443 -0.66 -24.59 3.90
C TRP A 443 -0.26 -23.70 5.07
N ASN A 444 -0.21 -22.40 4.82
CA ASN A 444 0.20 -21.46 5.85
C ASN A 444 -0.87 -21.33 6.92
N SER A 445 -0.43 -21.27 8.18
CA SER A 445 -1.33 -21.10 9.33
C SER A 445 -0.83 -20.04 10.29
N ASN A 446 -0.42 -18.87 9.78
CA ASN A 446 0.14 -17.83 10.63
C ASN A 446 -0.91 -17.18 11.52
N LYS A 447 -2.19 -17.23 11.14
CA LYS A 447 -3.23 -16.59 11.94
C LYS A 447 -3.72 -17.49 13.07
N LEU A 448 -3.43 -18.79 13.02
CA LEU A 448 -3.92 -19.70 14.04
C LEU A 448 -2.81 -20.17 14.98
N ASP A 449 -1.60 -20.37 14.45
CA ASP A 449 -0.51 -20.95 15.22
C ASP A 449 0.52 -19.93 15.67
N SER A 450 0.22 -18.64 15.61
CA SER A 450 1.14 -17.60 16.04
C SER A 450 0.49 -16.72 17.10
N LYS A 451 1.32 -16.10 17.93
CA LYS A 451 0.88 -15.22 18.99
C LYS A 451 1.84 -14.05 19.08
N PRO A 452 1.37 -12.88 19.52
CA PRO A 452 2.26 -11.71 19.61
C PRO A 452 3.42 -11.90 20.56
N SER A 453 3.20 -12.58 21.70
CA SER A 453 4.26 -12.79 22.68
C SER A 453 5.03 -14.09 22.45
N GLY A 454 4.92 -14.67 21.26
CA GLY A 454 5.60 -15.92 20.96
C GLY A 454 4.74 -17.14 21.27
N ASN A 455 4.86 -18.14 20.41
CA ASN A 455 4.10 -19.38 20.51
C ASN A 455 5.08 -20.51 20.75
N TYR A 456 5.33 -20.84 22.01
CA TYR A 456 6.27 -21.89 22.37
C TYR A 456 5.60 -23.26 22.50
N ASN A 457 4.35 -23.41 22.06
CA ASN A 457 3.68 -24.70 22.15
C ASN A 457 4.23 -25.72 21.16
N TYR A 458 4.80 -25.27 20.06
CA TYR A 458 5.36 -26.15 19.04
C TYR A 458 6.87 -26.23 19.20
N LEU A 459 7.39 -27.46 19.25
CA LEU A 459 8.82 -27.69 19.42
C LEU A 459 9.29 -28.72 18.41
N TYR A 460 10.61 -28.74 18.19
CA TYR A 460 11.23 -29.72 17.31
C TYR A 460 12.53 -30.19 17.93
N ARG A 461 13.01 -31.34 17.47
CA ARG A 461 14.22 -31.97 17.98
C ARG A 461 15.42 -31.39 17.24
N LEU A 462 16.36 -30.80 17.98
CA LEU A 462 17.51 -30.19 17.36
C LEU A 462 18.54 -31.22 16.92
N LEU A 463 18.86 -32.19 17.79
CA LEU A 463 19.84 -33.21 17.47
C LEU A 463 19.53 -34.47 18.26
N ARG A 464 20.04 -35.59 17.76
CA ARG A 464 19.84 -36.87 18.41
C ARG A 464 21.02 -37.78 18.08
N LYS A 465 20.93 -39.03 18.55
CA LYS A 465 22.02 -39.98 18.33
C LYS A 465 22.09 -40.41 16.87
N SER A 466 20.96 -40.84 16.30
CA SER A 466 20.95 -41.35 14.93
C SER A 466 19.68 -40.86 14.24
N LYS A 467 19.66 -41.05 12.93
CA LYS A 467 18.52 -40.63 12.13
C LYS A 467 17.31 -41.52 12.40
N LEU A 468 16.13 -40.94 12.24
CA LEU A 468 14.90 -41.69 12.45
C LEU A 468 14.60 -42.59 11.26
N LYS A 469 14.06 -43.78 11.56
CA LYS A 469 13.59 -44.66 10.50
C LYS A 469 12.30 -44.10 9.90
N PRO A 470 11.92 -44.57 8.72
CA PRO A 470 10.66 -44.11 8.11
C PRO A 470 9.48 -44.38 9.03
N PHE A 471 8.67 -43.33 9.23
CA PHE A 471 7.47 -43.38 10.06
C PHE A 471 7.78 -43.69 11.52
N GLU A 472 8.95 -43.29 12.00
CA GLU A 472 9.31 -43.52 13.39
C GLU A 472 9.07 -42.27 14.22
N ARG A 473 8.39 -42.43 15.35
CA ARG A 473 8.08 -41.34 16.25
C ARG A 473 8.90 -41.49 17.52
N ASP A 474 9.58 -40.41 17.93
CA ASP A 474 10.40 -40.40 19.13
C ASP A 474 9.93 -39.25 20.01
N ILE A 475 9.28 -39.59 21.12
CA ILE A 475 8.78 -38.59 22.07
C ILE A 475 9.69 -38.48 23.30
N SER A 476 10.95 -38.89 23.17
CA SER A 476 11.87 -38.82 24.30
C SER A 476 12.21 -37.37 24.63
N THR A 477 12.44 -37.11 25.91
CA THR A 477 12.78 -35.77 26.38
C THR A 477 14.01 -35.77 27.28
N GLU A 478 14.79 -36.84 27.29
CA GLU A 478 15.99 -36.90 28.11
C GLU A 478 17.09 -36.01 27.53
N ILE A 479 17.89 -35.43 28.43
CA ILE A 479 18.96 -34.54 28.00
C ILE A 479 19.98 -35.32 27.19
N TYR A 480 20.36 -34.76 26.05
CA TYR A 480 21.32 -35.37 25.14
C TYR A 480 22.72 -34.89 25.47
N GLN A 481 23.66 -35.82 25.56
CA GLN A 481 25.05 -35.51 25.88
C GLN A 481 25.83 -35.34 24.57
N ALA A 482 26.67 -34.30 24.52
CA ALA A 482 27.46 -34.02 23.33
C ALA A 482 28.93 -34.35 23.51
N GLY A 483 29.49 -34.16 24.71
CA GLY A 483 30.88 -34.46 24.95
C GLY A 483 31.12 -35.88 25.43
N ASN A 484 32.39 -36.19 25.64
CA ASN A 484 32.76 -37.52 26.13
C ASN A 484 32.36 -37.75 27.58
N LYS A 485 32.22 -36.68 28.35
CA LYS A 485 31.84 -36.82 29.75
C LYS A 485 30.33 -36.95 29.89
N PRO A 486 29.86 -37.79 30.82
CA PRO A 486 28.41 -37.94 31.00
C PRO A 486 27.79 -36.68 31.59
N CYS A 487 26.61 -36.33 31.08
CA CYS A 487 25.87 -35.17 31.59
C CYS A 487 25.06 -35.52 32.83
N ASN A 488 24.53 -36.74 32.90
CA ASN A 488 23.77 -37.22 34.05
C ASN A 488 22.51 -36.38 34.27
N GLY A 489 21.96 -35.87 33.17
CA GLY A 489 20.70 -35.16 33.23
C GLY A 489 20.76 -33.71 33.66
N VAL A 490 21.92 -33.07 33.56
CA VAL A 490 22.07 -31.66 33.90
C VAL A 490 22.59 -30.92 32.67
N ALA A 491 22.35 -29.60 32.62
CA ALA A 491 22.79 -28.77 31.52
C ALA A 491 24.20 -28.22 31.78
N GLY A 492 25.19 -29.08 31.56
CA GLY A 492 26.57 -28.74 31.78
C GLY A 492 27.13 -27.84 30.68
N PRO A 493 28.46 -27.75 30.60
CA PRO A 493 29.09 -26.90 29.59
C PRO A 493 28.82 -27.39 28.17
N ASN A 494 28.71 -28.71 27.99
CA ASN A 494 28.45 -29.30 26.68
C ASN A 494 27.25 -30.22 26.75
N CYS A 495 26.19 -29.77 27.42
CA CYS A 495 24.95 -30.52 27.54
C CYS A 495 23.79 -29.62 27.15
N TYR A 496 22.96 -30.08 26.21
CA TYR A 496 21.87 -29.28 25.68
C TYR A 496 20.58 -30.09 25.72
N SER A 497 19.47 -29.38 25.67
CA SER A 497 18.16 -30.03 25.62
C SER A 497 17.95 -30.63 24.23
N PRO A 498 17.24 -31.76 24.12
CA PRO A 498 17.02 -32.37 22.81
C PRO A 498 16.03 -31.59 21.95
N LEU A 499 15.07 -30.95 22.60
CA LEU A 499 14.02 -30.22 21.90
C LEU A 499 14.33 -28.73 21.87
N GLN A 500 13.85 -28.06 20.82
CA GLN A 500 13.98 -26.63 20.67
C GLN A 500 12.63 -26.05 20.24
N SER A 501 12.25 -24.93 20.86
CA SER A 501 10.93 -24.37 20.63
C SER A 501 10.94 -23.43 19.43
N TYR A 502 9.85 -23.47 18.67
CA TYR A 502 9.66 -22.53 17.57
C TYR A 502 9.24 -21.16 18.09
N GLY A 503 9.59 -20.13 17.33
CA GLY A 503 9.18 -18.78 17.67
C GLY A 503 7.73 -18.52 17.32
N PHE A 504 7.42 -18.61 16.02
CA PHE A 504 6.05 -18.49 15.52
C PHE A 504 5.41 -17.16 15.92
N ARG A 505 6.05 -16.07 15.50
CA ARG A 505 5.43 -14.76 15.64
C ARG A 505 4.82 -14.35 14.30
N PRO A 506 3.69 -13.63 14.31
CA PRO A 506 3.06 -13.26 13.04
C PRO A 506 3.90 -12.31 12.20
N THR A 507 4.82 -11.56 12.80
CA THR A 507 5.65 -10.63 12.04
C THR A 507 6.84 -11.30 11.37
N TYR A 508 7.00 -12.61 11.51
CA TYR A 508 8.11 -13.30 10.87
C TYR A 508 7.91 -13.37 9.36
N GLY A 509 8.99 -13.74 8.67
CA GLY A 509 8.92 -13.91 7.24
C GLY A 509 8.13 -15.14 6.84
N VAL A 510 7.93 -15.28 5.52
CA VAL A 510 7.16 -16.40 5.00
C VAL A 510 7.88 -17.72 5.24
N GLY A 511 9.20 -17.67 5.40
CA GLY A 511 9.97 -18.87 5.65
C GLY A 511 9.97 -19.28 7.11
N HIS A 512 9.50 -18.39 7.98
CA HIS A 512 9.45 -18.65 9.41
C HIS A 512 8.02 -18.78 9.94
N GLN A 513 7.01 -18.51 9.12
CA GLN A 513 5.64 -18.66 9.56
C GLN A 513 5.27 -20.14 9.69
N PRO A 514 4.32 -20.45 10.57
CA PRO A 514 3.92 -21.86 10.74
C PRO A 514 3.13 -22.38 9.55
N TYR A 515 3.36 -23.65 9.23
CA TYR A 515 2.68 -24.32 8.13
C TYR A 515 2.15 -25.67 8.62
N ARG A 516 0.84 -25.83 8.58
CA ARG A 516 0.22 -27.10 8.94
C ARG A 516 0.36 -28.09 7.78
N VAL A 517 1.02 -29.21 8.02
CA VAL A 517 1.31 -30.20 6.99
C VAL A 517 0.50 -31.46 7.29
N VAL A 518 -0.21 -31.95 6.28
CA VAL A 518 -0.97 -33.20 6.37
C VAL A 518 -0.40 -34.16 5.33
N VAL A 519 0.30 -35.18 5.80
CA VAL A 519 0.94 -36.18 4.94
C VAL A 519 0.05 -37.41 4.91
N LEU A 520 -0.54 -37.69 3.75
CA LEU A 520 -1.41 -38.84 3.59
C LEU A 520 -0.59 -40.03 3.07
N SER A 521 -0.49 -41.07 3.89
CA SER A 521 0.22 -42.29 3.53
C SER A 521 -0.76 -43.30 2.95
N PHE A 522 -0.50 -43.75 1.73
CA PHE A 522 -1.40 -44.63 1.01
C PHE A 522 -0.73 -45.99 0.79
N GLU A 523 -1.33 -47.04 1.34
CA GLU A 523 -0.92 -48.41 1.03
C GLU A 523 -1.81 -48.89 -0.10
N LEU A 524 -1.30 -48.80 -1.33
CA LEU A 524 -2.12 -48.98 -2.52
C LEU A 524 -2.45 -50.45 -2.73
N LEU A 525 -3.54 -50.92 -2.13
CA LEU A 525 -4.16 -52.20 -2.45
C LEU A 525 -3.18 -53.36 -2.39
N HIS A 526 -2.34 -53.42 -1.34
CA HIS A 526 -1.31 -54.46 -1.32
C HIS A 526 -1.92 -55.86 -1.26
N ALA A 527 -2.42 -56.26 -0.09
CA ALA A 527 -3.23 -57.48 -0.03
C ALA A 527 -4.72 -57.20 -0.25
N PRO A 528 -5.38 -56.40 0.60
CA PRO A 528 -6.83 -56.28 0.53
C PRO A 528 -7.31 -55.07 -0.25
N ALA A 529 -8.62 -55.01 -0.43
CA ALA A 529 -9.28 -53.81 -0.93
C ALA A 529 -10.32 -53.33 0.07
N THR A 530 -9.98 -52.27 0.80
CA THR A 530 -10.79 -51.84 1.94
C THR A 530 -11.42 -50.46 1.75
N VAL A 531 -10.60 -49.47 1.44
CA VAL A 531 -11.05 -48.07 1.37
C VAL A 531 -10.99 -47.62 -0.07
N CYS A 532 -12.14 -47.68 -0.76
CA CYS A 532 -12.25 -47.26 -2.14
C CYS A 532 -12.93 -45.90 -2.21
N GLY A 533 -12.72 -45.21 -3.34
CA GLY A 533 -13.27 -43.88 -3.53
C GLY A 533 -14.74 -43.92 -3.93
N PRO A 534 -15.30 -42.75 -4.24
CA PRO A 534 -16.72 -42.70 -4.62
C PRO A 534 -16.95 -43.29 -6.01
N LYS A 535 -17.88 -44.23 -6.08
CA LYS A 535 -18.23 -44.88 -7.34
C LYS A 535 -19.74 -45.01 -7.48
N GLU B 1 -0.95 -1.41 20.90
CA GLU B 1 -0.71 -0.33 19.96
C GLU B 1 0.79 -0.03 19.85
N PHE B 2 1.20 0.45 18.68
CA PHE B 2 2.59 0.78 18.41
C PHE B 2 2.63 2.14 17.70
N MET B 3 1.91 3.11 18.25
CA MET B 3 1.79 4.43 17.63
C MET B 3 3.13 5.15 17.68
N LEU B 4 3.76 5.30 16.51
CA LEU B 4 5.01 6.04 16.43
C LEU B 4 4.72 7.54 16.37
N THR B 5 5.62 8.33 16.93
CA THR B 5 5.46 9.77 17.00
C THR B 5 6.64 10.46 16.34
N GLN B 6 6.36 11.37 15.42
CA GLN B 6 7.35 12.14 14.70
C GLN B 6 7.14 13.62 14.94
N PRO B 7 8.19 14.44 14.81
CA PRO B 7 8.00 15.88 14.92
C PRO B 7 7.17 16.41 13.75
N HIS B 8 6.37 17.45 14.03
CA HIS B 8 5.47 17.97 13.00
C HIS B 8 6.22 18.69 11.89
N SER B 9 7.27 19.44 12.23
CA SER B 9 8.02 20.18 11.22
C SER B 9 9.46 20.35 11.70
N VAL B 10 10.37 20.44 10.74
CA VAL B 10 11.78 20.66 11.02
C VAL B 10 12.38 21.47 9.88
N SER B 11 13.31 22.35 10.21
CA SER B 11 13.95 23.20 9.21
C SER B 11 15.41 23.41 9.57
N GLU B 12 16.25 23.48 8.55
CA GLU B 12 17.68 23.66 8.75
C GLU B 12 18.28 24.13 7.43
N SER B 13 19.39 24.86 7.53
CA SER B 13 20.08 25.35 6.35
C SER B 13 20.61 24.18 5.52
N PRO B 14 20.72 24.37 4.20
CA PRO B 14 21.22 23.28 3.35
C PRO B 14 22.65 22.88 3.66
N GLU B 15 23.07 21.72 3.15
CA GLU B 15 24.42 21.20 3.30
C GLU B 15 24.76 20.92 4.76
N MET B 16 23.76 20.95 5.64
CA MET B 16 23.97 20.67 7.06
C MET B 16 23.43 19.27 7.37
N THR B 17 23.41 18.93 8.66
CA THR B 17 22.91 17.64 9.11
C THR B 17 21.53 17.81 9.74
N VAL B 18 20.56 17.05 9.24
CA VAL B 18 19.19 17.08 9.72
C VAL B 18 18.82 15.70 10.21
N THR B 19 18.23 15.63 11.40
CA THR B 19 17.84 14.38 12.03
C THR B 19 16.33 14.38 12.29
N ILE B 20 15.66 13.31 11.85
CA ILE B 20 14.23 13.15 12.03
C ILE B 20 13.99 12.11 13.12
N SER B 21 13.23 12.48 14.14
CA SER B 21 12.96 11.60 15.27
C SER B 21 11.78 10.69 14.99
N CYS B 22 11.83 9.49 15.57
CA CYS B 22 10.75 8.51 15.44
C CYS B 22 10.70 7.70 16.72
N THR B 23 9.85 8.11 17.65
CA THR B 23 9.78 7.50 18.97
C THR B 23 8.58 6.57 19.07
N GLY B 24 8.76 5.42 19.71
CA GLY B 24 7.69 4.47 19.92
C GLY B 24 6.97 4.67 21.23
N SER B 25 5.65 4.88 21.18
CA SER B 25 4.88 5.12 22.40
C SER B 25 4.72 3.87 23.25
N SER B 26 4.83 2.68 22.66
CA SER B 26 4.68 1.44 23.40
C SER B 26 5.38 0.32 22.63
N GLY B 27 5.48 -0.84 23.27
CA GLY B 27 6.15 -1.96 22.64
C GLY B 27 7.65 -1.78 22.60
N SER B 28 8.24 -2.22 21.48
CA SER B 28 9.68 -2.11 21.29
C SER B 28 9.95 -1.87 19.81
N ILE B 29 10.82 -0.90 19.51
CA ILE B 29 11.12 -0.52 18.13
C ILE B 29 12.18 -1.46 17.57
N ALA B 30 12.83 -2.22 18.44
CA ALA B 30 13.85 -3.16 18.00
C ALA B 30 13.28 -4.52 17.62
N ASP B 31 12.03 -4.80 17.97
CA ASP B 31 11.44 -6.10 17.66
C ASP B 31 11.12 -6.23 16.18
N ASN B 32 10.79 -5.11 15.52
CA ASN B 32 10.41 -5.11 14.12
C ASN B 32 11.24 -4.10 13.35
N TYR B 33 11.29 -4.27 12.03
CA TYR B 33 12.07 -3.37 11.19
C TYR B 33 11.40 -2.00 11.10
N VAL B 34 12.21 -0.99 10.81
CA VAL B 34 11.75 0.39 10.66
C VAL B 34 12.06 0.83 9.24
N GLN B 35 11.04 1.32 8.54
CA GLN B 35 11.18 1.78 7.17
C GLN B 35 10.83 3.26 7.08
N TRP B 36 11.49 3.96 6.15
CA TRP B 36 11.26 5.38 5.92
C TRP B 36 10.86 5.58 4.47
N TYR B 37 9.76 6.30 4.25
CA TYR B 37 9.25 6.57 2.92
C TYR B 37 9.17 8.06 2.68
N GLN B 38 9.55 8.47 1.46
CA GLN B 38 9.51 9.87 1.06
C GLN B 38 8.32 10.08 0.12
N GLN B 39 7.40 10.94 0.53
CA GLN B 39 6.21 11.26 -0.25
C GLN B 39 6.24 12.75 -0.58
N ARG B 40 6.62 13.07 -1.81
CA ARG B 40 6.63 14.47 -2.24
C ARG B 40 5.20 14.95 -2.50
N PRO B 41 4.95 16.26 -2.39
CA PRO B 41 3.60 16.78 -2.62
C PRO B 41 3.06 16.42 -3.99
N GLY B 42 1.98 15.62 -4.02
CA GLY B 42 1.38 15.20 -5.26
C GLY B 42 2.09 14.03 -5.90
N SER B 43 2.39 13.01 -5.11
CA SER B 43 3.09 11.83 -5.60
C SER B 43 2.89 10.68 -4.62
N ALA B 44 3.36 9.50 -5.03
CA ALA B 44 3.28 8.32 -4.17
C ALA B 44 4.55 8.18 -3.34
N PRO B 45 4.45 7.65 -2.13
CA PRO B 45 5.65 7.48 -1.30
C PRO B 45 6.63 6.50 -1.94
N THR B 46 7.92 6.71 -1.64
CA THR B 46 8.99 5.88 -2.16
C THR B 46 9.90 5.45 -1.01
N THR B 47 10.27 4.18 -1.00
CA THR B 47 11.11 3.65 0.06
C THR B 47 12.50 4.28 0.02
N VAL B 48 12.95 4.78 1.16
CA VAL B 48 14.26 5.41 1.28
C VAL B 48 15.22 4.54 2.06
N ILE B 49 14.81 4.07 3.24
CA ILE B 49 15.62 3.22 4.10
C ILE B 49 14.76 2.07 4.60
N TYR B 50 15.25 0.84 4.42
CA TYR B 50 14.55 -0.34 4.91
C TYR B 50 15.53 -1.24 5.65
N GLU B 51 14.97 -2.06 6.54
CA GLU B 51 15.74 -2.97 7.40
C GLU B 51 16.71 -2.21 8.30
N ASN B 52 16.44 -0.91 8.45
CA ASN B 52 17.06 -0.01 9.43
C ASN B 52 18.51 0.33 9.10
N TYR B 53 19.13 -0.35 8.14
CA TYR B 53 20.48 0.01 7.73
C TYR B 53 20.70 -0.18 6.24
N GLN B 54 19.66 -0.56 5.50
CA GLN B 54 19.83 -0.84 4.08
C GLN B 54 19.17 0.24 3.24
N ARG B 55 19.84 0.62 2.15
CA ARG B 55 19.35 1.64 1.23
C ARG B 55 19.24 1.05 -0.15
N PRO B 56 18.11 1.17 -0.83
CA PRO B 56 17.96 0.56 -2.16
C PRO B 56 18.75 1.33 -3.21
N SER B 57 18.78 0.76 -4.42
CA SER B 57 19.48 1.37 -5.53
C SER B 57 18.78 2.64 -5.98
N GLY B 58 19.56 3.62 -6.41
CA GLY B 58 19.03 4.89 -6.86
C GLY B 58 18.91 5.96 -5.79
N VAL B 59 18.82 5.58 -4.53
CA VAL B 59 18.71 6.57 -3.45
C VAL B 59 20.11 7.12 -3.13
N PRO B 60 20.28 8.44 -3.07
CA PRO B 60 21.61 8.99 -2.79
C PRO B 60 22.12 8.59 -1.41
N ASN B 61 23.44 8.72 -1.22
CA ASN B 61 24.05 8.37 0.05
C ASN B 61 23.72 9.36 1.15
N ARG B 62 22.99 10.44 0.84
CA ARG B 62 22.65 11.43 1.84
C ARG B 62 21.70 10.88 2.90
N PHE B 63 21.00 9.80 2.59
CA PHE B 63 20.03 9.19 3.48
C PHE B 63 20.65 7.99 4.18
N SER B 64 20.56 7.96 5.51
CA SER B 64 21.08 6.86 6.30
C SER B 64 20.29 6.77 7.60
N GLY B 65 20.01 5.54 8.02
CA GLY B 65 19.21 5.32 9.21
C GLY B 65 19.95 4.63 10.34
N SER B 66 19.44 4.77 11.56
CA SER B 66 20.06 4.14 12.71
C SER B 66 18.99 3.85 13.75
N ILE B 67 19.31 2.92 14.65
CA ILE B 67 18.38 2.49 15.69
C ILE B 67 19.03 2.75 17.05
N ASP B 68 18.24 3.29 17.98
CA ASP B 68 18.69 3.58 19.34
C ASP B 68 17.80 2.79 20.29
N SER B 69 18.25 1.58 20.64
CA SER B 69 17.47 0.72 21.52
C SER B 69 17.45 1.25 22.95
N SER B 70 18.43 2.06 23.33
CA SER B 70 18.46 2.63 24.67
C SER B 70 17.33 3.61 24.91
N SER B 71 16.73 4.16 23.84
CA SER B 71 15.62 5.09 23.96
C SER B 71 14.39 4.60 23.20
N ASN B 72 14.37 3.32 22.82
CA ASN B 72 13.28 2.70 22.06
C ASN B 72 12.77 3.60 20.94
N SER B 73 13.71 4.23 20.23
CA SER B 73 13.38 5.15 19.15
C SER B 73 14.40 5.02 18.04
N ALA B 74 14.02 5.50 16.85
CA ALA B 74 14.88 5.51 15.69
C ALA B 74 15.09 6.95 15.23
N SER B 75 16.06 7.13 14.34
CA SER B 75 16.39 8.46 13.84
C SER B 75 16.88 8.34 12.40
N LEU B 76 16.46 9.31 11.59
CA LEU B 76 16.88 9.41 10.20
C LEU B 76 17.72 10.67 10.02
N THR B 77 19.03 10.49 9.86
CA THR B 77 19.96 11.60 9.70
C THR B 77 20.15 11.88 8.21
N ILE B 78 20.17 13.17 7.87
CA ILE B 78 20.34 13.60 6.48
C ILE B 78 21.65 14.37 6.38
N SER B 79 22.54 13.91 5.51
CA SER B 79 23.84 14.53 5.30
C SER B 79 23.81 15.37 4.04
N GLY B 80 24.07 16.66 4.17
CA GLY B 80 24.04 17.55 3.03
C GLY B 80 22.65 17.81 2.47
N LEU B 81 21.80 18.47 3.25
CA LEU B 81 20.43 18.73 2.81
C LEU B 81 20.43 19.65 1.58
N LYS B 82 19.48 19.38 0.67
CA LYS B 82 19.35 20.18 -0.53
C LYS B 82 17.86 20.39 -0.83
N THR B 83 17.59 20.96 -2.00
CA THR B 83 16.21 21.33 -2.33
C THR B 83 15.36 20.12 -2.68
N GLU B 84 15.94 19.13 -3.35
CA GLU B 84 15.16 17.97 -3.79
C GLU B 84 14.75 17.06 -2.63
N ASP B 85 15.32 17.24 -1.44
CA ASP B 85 14.98 16.42 -0.29
C ASP B 85 13.82 16.98 0.53
N GLU B 86 13.26 18.12 0.13
CA GLU B 86 12.15 18.71 0.86
C GLU B 86 10.87 17.96 0.53
N ALA B 87 10.45 17.08 1.43
CA ALA B 87 9.24 16.28 1.25
C ALA B 87 8.83 15.73 2.60
N ASP B 88 7.73 14.96 2.59
CA ASP B 88 7.24 14.34 3.81
C ASP B 88 7.90 12.99 4.02
N TYR B 89 8.24 12.69 5.28
CA TYR B 89 8.91 11.45 5.64
C TYR B 89 8.11 10.76 6.74
N TYR B 90 7.79 9.49 6.52
CA TYR B 90 7.03 8.68 7.46
C TYR B 90 7.88 7.49 7.88
N CYS B 91 8.02 7.28 9.19
CA CYS B 91 8.67 6.08 9.69
C CYS B 91 7.62 5.01 9.99
N GLN B 92 7.85 3.81 9.47
CA GLN B 92 6.89 2.73 9.57
C GLN B 92 7.50 1.56 10.31
N SER B 93 6.72 0.94 11.19
CA SER B 93 7.14 -0.24 11.93
C SER B 93 5.97 -1.21 11.96
N TYR B 94 6.10 -2.26 12.77
CA TYR B 94 5.07 -3.29 12.86
C TYR B 94 4.82 -3.64 14.32
N ASP B 95 3.55 -3.72 14.68
CA ASP B 95 3.18 -4.17 16.02
C ASP B 95 3.32 -5.68 16.12
N ASN B 96 3.40 -6.17 17.35
CA ASN B 96 3.57 -7.60 17.59
C ASN B 96 2.39 -8.44 17.09
N SER B 97 1.25 -7.82 16.81
CA SER B 97 0.10 -8.54 16.28
C SER B 97 -0.03 -8.42 14.77
N ASN B 98 1.09 -8.34 14.05
CA ASN B 98 1.12 -8.22 12.59
C ASN B 98 0.41 -6.96 12.09
N VAL B 99 0.34 -5.93 12.93
CA VAL B 99 -0.33 -4.69 12.53
C VAL B 99 0.72 -3.67 12.10
N ALA B 100 0.66 -3.25 10.84
CA ALA B 100 1.58 -2.25 10.34
C ALA B 100 1.12 -0.85 10.76
N VAL B 101 2.06 -0.08 11.32
CA VAL B 101 1.77 1.24 11.85
C VAL B 101 2.70 2.24 11.17
N PHE B 102 2.14 3.36 10.71
CA PHE B 102 2.89 4.44 10.10
C PHE B 102 2.98 5.62 11.06
N GLY B 103 3.98 6.46 10.86
CA GLY B 103 4.17 7.62 11.69
C GLY B 103 3.24 8.76 11.31
N GLY B 104 3.43 9.89 12.01
CA GLY B 104 2.63 11.07 11.76
C GLY B 104 3.14 11.96 10.64
N GLY B 105 4.36 11.75 10.18
CA GLY B 105 4.93 12.56 9.13
C GLY B 105 5.69 13.77 9.62
N THR B 106 6.85 14.03 9.02
CA THR B 106 7.70 15.16 9.39
C THR B 106 7.84 16.08 8.19
N GLN B 107 7.43 17.34 8.37
CA GLN B 107 7.47 18.32 7.29
C GLN B 107 8.84 19.00 7.28
N LEU B 108 9.69 18.59 6.35
CA LEU B 108 11.00 19.20 6.20
C LEU B 108 10.90 20.47 5.36
N THR B 109 11.61 21.51 5.78
CA THR B 109 11.59 22.81 5.11
C THR B 109 13.02 23.28 4.90
N VAL B 110 13.36 23.56 3.65
CA VAL B 110 14.69 24.09 3.31
C VAL B 110 14.68 25.59 3.58
N LEU B 111 15.40 26.02 4.62
CA LEU B 111 15.41 27.42 5.00
C LEU B 111 16.27 28.27 4.06
N GLY B 112 17.25 27.67 3.40
CA GLY B 112 18.15 28.39 2.54
C GLY B 112 17.63 28.77 1.17
N GLN B 113 16.33 28.60 0.93
CA GLN B 113 15.77 28.97 -0.36
C GLN B 113 15.63 30.49 -0.45
N PRO B 114 15.97 31.08 -1.60
CA PRO B 114 15.92 32.53 -1.74
C PRO B 114 14.49 33.03 -1.93
N LYS B 115 14.38 34.35 -2.10
CA LYS B 115 13.08 34.98 -2.30
C LYS B 115 12.60 34.73 -3.73
N ALA B 116 11.31 34.90 -3.95
CA ALA B 116 10.71 34.69 -5.26
C ALA B 116 9.67 35.77 -5.52
N ALA B 117 9.31 35.92 -6.78
CA ALA B 117 8.32 36.91 -7.21
C ALA B 117 7.14 36.22 -7.88
N PRO B 118 5.91 36.66 -7.58
CA PRO B 118 4.73 36.02 -8.17
C PRO B 118 4.54 36.43 -9.61
N SER B 119 4.01 35.51 -10.42
CA SER B 119 3.72 35.77 -11.83
C SER B 119 2.21 35.93 -12.04
N VAL B 120 1.76 37.19 -12.00
CA VAL B 120 0.34 37.48 -12.12
C VAL B 120 -0.08 37.42 -13.58
N THR B 121 -1.20 36.76 -13.85
CA THR B 121 -1.73 36.63 -15.19
C THR B 121 -3.26 36.59 -15.12
N LEU B 122 -3.91 37.31 -16.03
CA LEU B 122 -5.36 37.38 -16.08
C LEU B 122 -5.83 37.08 -17.48
N PHE B 123 -6.94 36.34 -17.61
CA PHE B 123 -7.50 35.96 -18.89
C PHE B 123 -8.92 36.47 -19.01
N PRO B 124 -9.34 36.99 -20.16
CA PRO B 124 -10.71 37.49 -20.30
C PRO B 124 -11.68 36.32 -20.43
N PRO B 125 -12.96 36.55 -20.16
CA PRO B 125 -13.94 35.46 -20.28
C PRO B 125 -14.07 34.98 -21.72
N SER B 126 -14.55 33.75 -21.86
CA SER B 126 -14.71 33.14 -23.18
C SER B 126 -15.99 33.63 -23.84
N SER B 127 -16.06 33.42 -25.17
CA SER B 127 -17.24 33.83 -25.91
C SER B 127 -18.45 32.97 -25.55
N GLU B 128 -18.24 31.67 -25.37
CA GLU B 128 -19.35 30.79 -25.02
C GLU B 128 -19.91 31.13 -23.64
N GLU B 129 -19.04 31.49 -22.70
CA GLU B 129 -19.52 31.86 -21.36
C GLU B 129 -20.33 33.16 -21.41
N LEU B 130 -19.88 34.13 -22.21
CA LEU B 130 -20.62 35.37 -22.36
C LEU B 130 -21.97 35.12 -23.03
N GLN B 131 -22.00 34.21 -24.02
CA GLN B 131 -23.27 33.85 -24.64
C GLN B 131 -24.18 33.13 -23.65
N ALA B 132 -23.61 32.43 -22.68
CA ALA B 132 -24.38 31.75 -21.64
C ALA B 132 -24.83 32.69 -20.53
N ASN B 133 -24.72 34.00 -20.74
CA ASN B 133 -25.17 35.00 -19.76
C ASN B 133 -24.45 34.85 -18.42
N LYS B 134 -23.13 34.72 -18.46
CA LYS B 134 -22.32 34.60 -17.24
C LYS B 134 -20.88 34.94 -17.58
N ALA B 135 -20.08 35.11 -16.53
CA ALA B 135 -18.67 35.45 -16.68
C ALA B 135 -17.93 35.09 -15.40
N THR B 136 -16.68 34.68 -15.57
CA THR B 136 -15.83 34.29 -14.43
C THR B 136 -14.39 34.62 -14.78
N LEU B 137 -13.82 35.62 -14.12
CA LEU B 137 -12.44 36.00 -14.35
C LEU B 137 -11.51 35.01 -13.66
N VAL B 138 -10.40 34.69 -14.32
CA VAL B 138 -9.41 33.73 -13.81
C VAL B 138 -8.09 34.46 -13.68
N CYS B 139 -7.72 34.80 -12.45
CA CYS B 139 -6.43 35.42 -12.14
C CYS B 139 -5.53 34.36 -11.51
N LEU B 140 -4.37 34.13 -12.14
CA LEU B 140 -3.47 33.05 -11.75
C LEU B 140 -2.23 33.62 -11.09
N ILE B 141 -1.76 32.93 -10.05
CA ILE B 141 -0.56 33.31 -9.32
C ILE B 141 0.35 32.11 -9.23
N SER B 142 1.66 32.32 -9.41
CA SER B 142 2.61 31.22 -9.37
C SER B 142 4.00 31.77 -9.10
N ASP B 143 4.93 30.86 -8.83
CA ASP B 143 6.36 31.11 -8.63
C ASP B 143 6.65 31.97 -7.41
N PHE B 144 5.87 31.86 -6.33
CA PHE B 144 6.14 32.61 -5.12
C PHE B 144 6.51 31.68 -3.97
N TYR B 145 7.58 32.03 -3.27
CA TYR B 145 8.07 31.21 -2.17
C TYR B 145 7.25 31.38 -0.89
N PRO B 146 7.02 32.60 -0.39
CA PRO B 146 6.24 32.72 0.85
C PRO B 146 4.76 32.47 0.59
N GLY B 147 4.15 31.63 1.43
CA GLY B 147 2.77 31.25 1.26
C GLY B 147 1.79 32.22 1.92
N ALA B 148 2.14 33.50 1.98
CA ALA B 148 1.29 34.52 2.55
C ALA B 148 0.68 35.44 1.50
N VAL B 149 0.53 34.97 0.26
CA VAL B 149 0.02 35.82 -0.81
C VAL B 149 -1.50 35.92 -0.72
N THR B 150 -2.00 37.14 -0.72
CA THR B 150 -3.43 37.40 -0.73
C THR B 150 -3.80 38.08 -2.05
N VAL B 151 -5.10 38.11 -2.34
CA VAL B 151 -5.59 38.65 -3.60
C VAL B 151 -6.47 39.86 -3.31
N ALA B 152 -6.68 40.66 -4.35
CA ALA B 152 -7.51 41.85 -4.29
C ALA B 152 -7.96 42.22 -5.69
N TRP B 153 -9.10 42.91 -5.78
CA TRP B 153 -9.67 43.31 -7.05
C TRP B 153 -10.10 44.77 -6.98
N LYS B 154 -10.09 45.42 -8.13
CA LYS B 154 -10.49 46.82 -8.26
C LYS B 154 -11.47 46.97 -9.42
N ALA B 155 -12.26 48.04 -9.36
CA ALA B 155 -13.24 48.34 -10.41
C ALA B 155 -12.89 49.71 -10.97
N ASP B 156 -11.63 50.12 -10.79
CA ASP B 156 -11.07 51.36 -11.31
C ASP B 156 -11.66 52.59 -10.64
N SER B 157 -12.67 52.39 -9.78
CA SER B 157 -13.28 53.49 -9.06
C SER B 157 -13.52 53.11 -7.60
N SER B 158 -13.45 51.83 -7.30
CA SER B 158 -13.69 51.30 -5.97
C SER B 158 -13.26 49.85 -5.93
N PRO B 159 -12.88 49.33 -4.76
CA PRO B 159 -12.52 47.92 -4.65
C PRO B 159 -13.71 47.01 -4.93
N VAL B 160 -13.40 45.75 -5.17
CA VAL B 160 -14.41 44.72 -5.46
C VAL B 160 -14.39 43.69 -4.35
N LYS B 161 -15.56 43.44 -3.76
CA LYS B 161 -15.71 42.47 -2.69
C LYS B 161 -16.89 41.57 -3.00
N ALA B 162 -17.02 41.20 -4.27
CA ALA B 162 -18.09 40.29 -4.71
C ALA B 162 -17.68 38.85 -4.47
N GLY B 163 -18.43 37.90 -5.03
CA GLY B 163 -18.09 36.50 -4.91
C GLY B 163 -16.75 36.18 -5.54
N VAL B 164 -15.75 35.93 -4.69
CA VAL B 164 -14.38 35.66 -5.15
C VAL B 164 -13.88 34.42 -4.42
N GLU B 165 -13.41 33.44 -5.16
CA GLU B 165 -12.85 32.21 -4.59
C GLU B 165 -11.33 32.24 -4.72
N THR B 166 -10.64 32.05 -3.60
CA THR B 166 -9.19 32.08 -3.55
C THR B 166 -8.66 30.69 -3.26
N THR B 167 -7.74 30.21 -4.08
CA THR B 167 -7.17 28.89 -3.90
C THR B 167 -6.11 28.92 -2.80
N THR B 168 -6.11 27.89 -1.96
CA THR B 168 -5.09 27.77 -0.94
C THR B 168 -3.76 27.39 -1.57
N PRO B 169 -2.68 28.13 -1.30
CA PRO B 169 -1.39 27.80 -1.94
C PRO B 169 -0.85 26.47 -1.45
N SER B 170 -0.28 25.73 -2.40
CA SER B 170 0.29 24.42 -2.12
C SER B 170 1.63 24.29 -2.82
N LYS B 171 2.42 23.32 -2.35
CA LYS B 171 3.75 23.10 -2.91
C LYS B 171 3.65 22.56 -4.32
N GLN B 172 4.50 23.08 -5.20
CA GLN B 172 4.61 22.55 -6.56
C GLN B 172 5.62 21.40 -6.58
N SER B 173 5.91 20.93 -7.80
CA SER B 173 6.93 19.91 -7.96
C SER B 173 8.33 20.48 -7.78
N ASN B 174 8.48 21.80 -7.94
CA ASN B 174 9.76 22.47 -7.82
C ASN B 174 9.88 23.30 -6.54
N ASN B 175 9.29 22.83 -5.44
CA ASN B 175 9.42 23.45 -4.12
C ASN B 175 8.85 24.85 -4.06
N LYS B 176 8.09 25.25 -5.08
CA LYS B 176 7.44 26.56 -5.04
C LYS B 176 5.94 26.40 -4.84
N TYR B 177 5.25 27.53 -4.82
CA TYR B 177 3.80 27.56 -4.58
C TYR B 177 3.05 28.04 -5.82
N ALA B 178 1.73 27.98 -5.73
CA ALA B 178 0.84 28.45 -6.78
C ALA B 178 -0.48 28.86 -6.16
N ALA B 179 -1.20 29.73 -6.86
CA ALA B 179 -2.47 30.25 -6.36
C ALA B 179 -3.34 30.67 -7.53
N SER B 180 -4.61 30.92 -7.25
CA SER B 180 -5.56 31.37 -8.26
C SER B 180 -6.71 32.07 -7.58
N SER B 181 -7.36 32.96 -8.33
CA SER B 181 -8.50 33.73 -7.83
C SER B 181 -9.56 33.78 -8.92
N TYR B 182 -10.78 33.35 -8.58
CA TYR B 182 -11.90 33.30 -9.52
C TYR B 182 -12.93 34.35 -9.11
N LEU B 183 -13.20 35.29 -10.01
CA LEU B 183 -14.20 36.33 -9.80
C LEU B 183 -15.33 36.14 -10.80
N SER B 184 -16.50 35.77 -10.30
CA SER B 184 -17.66 35.53 -11.14
C SER B 184 -18.62 36.72 -11.06
N LEU B 185 -19.16 37.11 -12.20
CA LEU B 185 -20.11 38.23 -12.26
C LEU B 185 -20.91 38.13 -13.54
N THR B 186 -21.97 38.92 -13.61
CA THR B 186 -22.82 38.96 -14.79
C THR B 186 -22.10 39.67 -15.94
N PRO B 187 -22.39 39.29 -17.18
CA PRO B 187 -21.75 39.97 -18.32
C PRO B 187 -22.11 41.44 -18.41
N GLU B 188 -23.30 41.84 -17.95
CA GLU B 188 -23.66 43.25 -17.96
C GLU B 188 -22.74 44.05 -17.03
N GLN B 189 -22.53 43.54 -15.81
CA GLN B 189 -21.60 44.20 -14.89
C GLN B 189 -20.18 44.17 -15.41
N TRP B 190 -19.82 43.14 -16.18
CA TRP B 190 -18.48 43.04 -16.74
C TRP B 190 -18.27 44.09 -17.83
N LYS B 191 -19.29 44.31 -18.66
CA LYS B 191 -19.16 45.28 -19.75
C LYS B 191 -19.44 46.71 -19.30
N SER B 192 -20.08 46.89 -18.15
CA SER B 192 -20.43 48.22 -17.67
C SER B 192 -19.34 48.86 -16.81
N HIS B 193 -18.10 48.43 -16.93
CA HIS B 193 -16.99 49.00 -16.17
C HIS B 193 -15.85 49.35 -17.12
N ARG B 194 -15.05 50.33 -16.69
CA ARG B 194 -13.95 50.79 -17.54
C ARG B 194 -12.80 49.79 -17.58
N SER B 195 -12.34 49.31 -16.42
CA SER B 195 -11.23 48.38 -16.36
C SER B 195 -11.23 47.67 -15.02
N TYR B 196 -10.78 46.42 -15.04
CA TYR B 196 -10.60 45.62 -13.84
C TYR B 196 -9.12 45.31 -13.65
N SER B 197 -8.71 45.18 -12.39
CA SER B 197 -7.30 44.96 -12.08
C SER B 197 -7.19 43.94 -10.95
N CYS B 198 -6.67 42.75 -11.26
CA CYS B 198 -6.40 41.76 -10.24
C CYS B 198 -5.16 42.15 -9.45
N GLN B 199 -5.36 42.68 -8.25
CA GLN B 199 -4.27 43.15 -7.40
C GLN B 199 -3.81 42.00 -6.52
N VAL B 200 -2.59 41.53 -6.76
CA VAL B 200 -1.99 40.46 -5.96
C VAL B 200 -1.07 41.08 -4.93
N THR B 201 -1.39 40.85 -3.66
CA THR B 201 -0.67 41.44 -2.54
C THR B 201 0.41 40.47 -2.07
N HIS B 202 1.66 40.80 -2.38
CA HIS B 202 2.81 40.03 -1.94
C HIS B 202 3.40 40.69 -0.69
N GLU B 203 4.51 40.12 -0.20
CA GLU B 203 5.19 40.68 0.96
C GLU B 203 5.90 41.98 0.57
N GLY B 204 5.28 43.11 0.88
CA GLY B 204 5.85 44.40 0.54
C GLY B 204 5.41 44.93 -0.80
N SER B 205 5.76 44.23 -1.87
CA SER B 205 5.42 44.67 -3.20
C SER B 205 4.09 44.07 -3.66
N THR B 206 3.58 44.58 -4.78
CA THR B 206 2.34 44.10 -5.36
C THR B 206 2.43 44.20 -6.88
N VAL B 207 1.77 43.26 -7.55
CA VAL B 207 1.74 43.20 -9.01
C VAL B 207 0.30 43.06 -9.45
N GLU B 208 -0.09 43.83 -10.47
CA GLU B 208 -1.45 43.80 -10.99
C GLU B 208 -1.40 43.66 -12.51
N LYS B 209 -2.59 43.58 -13.11
CA LYS B 209 -2.71 43.43 -14.56
C LYS B 209 -3.45 44.57 -15.24
N THR B 210 -4.52 45.10 -14.64
CA THR B 210 -5.30 46.20 -15.20
C THR B 210 -5.80 45.86 -16.60
N VAL B 211 -6.68 44.86 -16.71
CA VAL B 211 -7.25 44.43 -17.98
C VAL B 211 -8.59 45.13 -18.16
N ALA B 212 -8.78 45.76 -19.31
CA ALA B 212 -10.01 46.48 -19.61
C ALA B 212 -10.99 45.55 -20.32
N PRO B 213 -12.28 45.58 -19.99
CA PRO B 213 -13.23 44.70 -20.68
C PRO B 213 -13.48 45.07 -22.14
N THR B 214 -12.90 46.17 -22.62
CA THR B 214 -13.12 46.59 -24.00
C THR B 214 -12.35 45.70 -24.96
N GLU B 215 -12.96 44.57 -25.33
CA GLU B 215 -12.36 43.61 -26.26
C GLU B 215 -11.01 43.09 -25.77
N GLN C 1 8.11 -4.00 -15.70
CA GLN C 1 8.33 -3.98 -14.26
C GLN C 1 7.03 -4.22 -13.50
N VAL C 2 7.11 -4.17 -12.17
CA VAL C 2 5.94 -4.37 -11.34
C VAL C 2 5.23 -3.04 -11.14
N GLN C 3 4.00 -2.94 -11.64
CA GLN C 3 3.22 -1.72 -11.52
C GLN C 3 1.84 -2.05 -10.97
N LEU C 4 1.39 -1.21 -10.03
CA LEU C 4 0.07 -1.35 -9.43
C LEU C 4 -0.78 -0.13 -9.77
N GLN C 5 -2.07 -0.35 -9.96
CA GLN C 5 -2.98 0.72 -10.35
C GLN C 5 -4.32 0.50 -9.66
N GLU C 6 -4.85 1.55 -9.05
CA GLU C 6 -6.13 1.47 -8.38
C GLU C 6 -7.27 1.73 -9.35
N SER C 7 -8.43 1.16 -9.04
CA SER C 7 -9.62 1.34 -9.87
C SER C 7 -10.85 1.16 -9.00
N GLY C 8 -11.97 1.74 -9.45
CA GLY C 8 -13.21 1.67 -8.73
C GLY C 8 -13.97 2.98 -8.79
N PRO C 9 -15.19 2.99 -8.23
CA PRO C 9 -15.99 4.21 -8.22
C PRO C 9 -15.32 5.36 -7.50
N GLY C 10 -15.12 6.48 -8.20
CA GLY C 10 -14.46 7.63 -7.60
C GLY C 10 -15.32 8.36 -6.60
N LEU C 11 -16.61 8.04 -6.52
CA LEU C 11 -17.52 8.67 -5.58
C LEU C 11 -18.52 7.64 -5.08
N VAL C 12 -18.65 7.54 -3.75
CA VAL C 12 -19.54 6.56 -3.12
C VAL C 12 -20.46 7.33 -2.19
N SER C 13 -21.77 7.05 -2.28
CA SER C 13 -22.73 7.68 -1.40
C SER C 13 -22.46 7.28 0.05
N PRO C 14 -22.81 8.14 1.01
CA PRO C 14 -22.61 7.77 2.42
C PRO C 14 -23.38 6.53 2.81
N SER C 15 -22.89 5.84 3.85
CA SER C 15 -23.49 4.64 4.41
C SER C 15 -23.50 3.47 3.41
N GLN C 16 -22.84 3.64 2.27
CA GLN C 16 -22.74 2.58 1.29
C GLN C 16 -21.45 1.80 1.51
N THR C 17 -21.09 0.94 0.55
CA THR C 17 -19.89 0.12 0.63
C THR C 17 -18.87 0.63 -0.37
N LEU C 18 -17.72 1.10 0.13
CA LEU C 18 -16.64 1.55 -0.73
C LEU C 18 -15.87 0.33 -1.24
N SER C 19 -15.82 0.18 -2.57
CA SER C 19 -15.18 -0.96 -3.20
C SER C 19 -14.17 -0.45 -4.23
N LEU C 20 -12.91 -0.83 -4.06
CA LEU C 20 -11.84 -0.46 -4.97
C LEU C 20 -11.05 -1.71 -5.35
N THR C 21 -10.63 -1.79 -6.60
CA THR C 21 -9.91 -2.94 -7.13
C THR C 21 -8.53 -2.50 -7.60
N CYS C 22 -7.50 -3.19 -7.11
CA CYS C 22 -6.12 -2.90 -7.46
C CYS C 22 -5.61 -3.97 -8.42
N THR C 23 -5.28 -3.55 -9.64
CA THR C 23 -4.77 -4.45 -10.67
C THR C 23 -3.25 -4.39 -10.69
N VAL C 24 -2.62 -5.54 -10.50
CA VAL C 24 -1.17 -5.64 -10.46
C VAL C 24 -0.68 -6.19 -11.79
N SER C 25 0.32 -5.53 -12.37
CA SER C 25 0.92 -5.94 -13.63
C SER C 25 2.38 -6.32 -13.39
N GLY C 26 2.87 -7.27 -14.17
CA GLY C 26 4.23 -7.76 -14.01
C GLY C 26 4.43 -8.73 -12.88
N GLY C 27 3.40 -9.05 -12.11
CA GLY C 27 3.52 -9.99 -11.02
C GLY C 27 2.16 -10.40 -10.51
N SER C 28 1.97 -11.69 -10.31
CA SER C 28 0.70 -12.22 -9.85
C SER C 28 0.62 -12.20 -8.34
N ILE C 29 -0.55 -12.53 -7.80
CA ILE C 29 -0.73 -12.64 -6.36
C ILE C 29 -0.33 -14.05 -5.96
N ARG C 30 0.97 -14.27 -5.76
CA ARG C 30 1.53 -15.60 -5.56
C ARG C 30 2.77 -15.52 -4.68
N ASN C 31 3.62 -16.54 -4.77
CA ASN C 31 4.85 -16.66 -4.00
C ASN C 31 5.83 -15.50 -4.25
N GLU C 32 5.48 -14.53 -5.08
CA GLU C 32 6.37 -13.41 -5.39
C GLU C 32 6.73 -12.58 -4.17
N VAL C 33 5.75 -11.92 -3.55
CA VAL C 33 6.02 -11.01 -2.44
C VAL C 33 5.13 -11.32 -1.25
N TYR C 34 4.14 -12.20 -1.46
CA TYR C 34 3.35 -12.79 -0.38
C TYR C 34 2.40 -11.81 0.31
N TYR C 35 2.46 -10.53 -0.03
CA TYR C 35 1.65 -9.52 0.63
C TYR C 35 1.17 -8.46 -0.35
N TRP C 36 -0.03 -7.93 -0.11
CA TRP C 36 -0.61 -6.87 -0.90
C TRP C 36 -1.49 -6.03 0.01
N SER C 37 -1.08 -4.79 0.27
CA SER C 37 -1.68 -3.96 1.31
C SER C 37 -2.45 -2.80 0.71
N TRP C 38 -3.29 -2.18 1.54
CA TRP C 38 -4.02 -0.97 1.21
C TRP C 38 -3.66 0.13 2.19
N ILE C 39 -3.36 1.31 1.67
CA ILE C 39 -3.03 2.47 2.49
C ILE C 39 -3.81 3.67 1.99
N ARG C 40 -4.46 4.37 2.92
CA ARG C 40 -5.24 5.55 2.58
C ARG C 40 -4.60 6.77 3.23
N GLN C 41 -4.86 7.94 2.64
CA GLN C 41 -4.30 9.19 3.13
C GLN C 41 -5.26 10.34 2.84
N PRO C 42 -5.94 10.87 3.86
CA PRO C 42 -6.81 12.03 3.66
C PRO C 42 -6.01 13.24 3.21
N PRO C 43 -6.64 14.16 2.47
CA PRO C 43 -5.92 15.35 2.02
C PRO C 43 -5.42 16.20 3.18
N GLY C 44 -4.10 16.37 3.25
CA GLY C 44 -3.49 17.14 4.31
C GLY C 44 -3.20 16.36 5.57
N LYS C 45 -3.39 15.05 5.57
CA LYS C 45 -3.14 14.21 6.72
C LYS C 45 -2.11 13.14 6.38
N GLY C 46 -1.71 12.37 7.40
CA GLY C 46 -0.72 11.34 7.21
C GLY C 46 -1.30 10.04 6.69
N LEU C 47 -0.40 9.09 6.44
CA LEU C 47 -0.81 7.79 5.94
C LEU C 47 -1.54 7.01 7.02
N GLU C 48 -2.38 6.06 6.60
CA GLU C 48 -3.14 5.22 7.51
C GLU C 48 -3.22 3.82 6.92
N TRP C 49 -2.68 2.84 7.62
CA TRP C 49 -2.68 1.47 7.14
C TRP C 49 -4.07 0.85 7.30
N ILE C 50 -4.52 0.16 6.26
CA ILE C 50 -5.83 -0.47 6.26
C ILE C 50 -5.67 -1.96 6.50
N GLY C 51 -4.95 -2.65 5.63
CA GLY C 51 -4.72 -4.07 5.80
C GLY C 51 -4.12 -4.67 4.55
N TYR C 52 -3.41 -5.78 4.75
CA TYR C 52 -2.86 -6.57 3.66
C TYR C 52 -3.42 -7.97 3.70
N ILE C 53 -3.43 -8.62 2.54
CA ILE C 53 -3.96 -9.98 2.40
C ILE C 53 -2.90 -10.85 1.76
N HIS C 54 -2.85 -12.11 2.19
CA HIS C 54 -1.95 -13.11 1.65
C HIS C 54 -2.68 -13.96 0.64
N TYR C 55 -1.94 -14.57 -0.29
CA TYR C 55 -2.57 -15.37 -1.33
C TYR C 55 -3.23 -16.61 -0.78
N SER C 56 -2.88 -17.03 0.44
CA SER C 56 -3.51 -18.17 1.08
C SER C 56 -4.70 -17.78 1.95
N GLY C 57 -5.29 -16.61 1.72
CA GLY C 57 -6.46 -16.20 2.47
C GLY C 57 -6.18 -15.54 3.80
N ASN C 58 -4.91 -15.43 4.20
CA ASN C 58 -4.59 -14.78 5.46
C ASN C 58 -4.82 -13.27 5.34
N THR C 59 -5.61 -12.73 6.27
CA THR C 59 -5.96 -11.32 6.28
C THR C 59 -5.55 -10.70 7.60
N TYR C 60 -4.96 -9.51 7.53
CA TYR C 60 -4.57 -8.75 8.72
C TYR C 60 -5.05 -7.32 8.56
N TYR C 61 -6.02 -6.93 9.38
CA TYR C 61 -6.66 -5.63 9.26
C TYR C 61 -6.25 -4.73 10.42
N ASN C 62 -6.57 -3.45 10.29
CA ASN C 62 -6.26 -2.49 11.34
C ASN C 62 -7.23 -2.69 12.51
N PRO C 63 -6.75 -2.60 13.76
CA PRO C 63 -7.66 -2.80 14.90
C PRO C 63 -8.80 -1.78 14.95
N SER C 64 -8.56 -0.54 14.52
CA SER C 64 -9.60 0.48 14.54
C SER C 64 -10.60 0.30 13.41
N LEU C 65 -10.29 -0.49 12.39
CA LEU C 65 -11.18 -0.72 11.27
C LEU C 65 -11.42 -2.21 11.00
N LYS C 66 -11.40 -3.05 12.05
CA LYS C 66 -11.56 -4.48 11.85
C LYS C 66 -12.97 -4.84 11.39
N SER C 67 -13.97 -4.10 11.88
CA SER C 67 -15.35 -4.47 11.60
C SER C 67 -15.76 -4.15 10.17
N ARG C 68 -15.23 -3.07 9.59
CA ARG C 68 -15.67 -2.62 8.29
C ARG C 68 -14.78 -3.10 7.15
N VAL C 69 -13.47 -3.24 7.39
CA VAL C 69 -12.54 -3.59 6.32
C VAL C 69 -12.66 -5.08 6.00
N ALA C 70 -12.87 -5.39 4.72
CA ALA C 70 -12.91 -6.74 4.23
C ALA C 70 -12.18 -6.80 2.88
N ILE C 71 -11.08 -7.54 2.85
CA ILE C 71 -10.23 -7.64 1.67
C ILE C 71 -10.36 -9.03 1.07
N SER C 72 -10.47 -9.08 -0.26
CA SER C 72 -10.60 -10.34 -0.97
C SER C 72 -9.50 -10.44 -2.02
N VAL C 73 -9.07 -11.66 -2.31
CA VAL C 73 -8.01 -11.92 -3.27
C VAL C 73 -8.60 -12.72 -4.43
N ASP C 74 -8.24 -12.32 -5.66
CA ASP C 74 -8.66 -13.01 -6.88
C ASP C 74 -7.40 -13.27 -7.70
N THR C 75 -6.76 -14.42 -7.45
CA THR C 75 -5.52 -14.75 -8.15
C THR C 75 -5.75 -15.02 -9.63
N SER C 76 -6.96 -15.38 -10.03
CA SER C 76 -7.24 -15.63 -11.43
C SER C 76 -7.11 -14.38 -12.30
N LYS C 77 -7.32 -13.20 -11.71
CA LYS C 77 -7.21 -11.95 -12.44
C LYS C 77 -6.07 -11.07 -11.97
N ASN C 78 -5.26 -11.53 -11.01
CA ASN C 78 -4.17 -10.75 -10.43
C ASN C 78 -4.69 -9.42 -9.87
N GLN C 79 -5.85 -9.49 -9.22
CA GLN C 79 -6.49 -8.31 -8.64
C GLN C 79 -6.98 -8.64 -7.24
N PHE C 80 -6.72 -7.73 -6.31
CA PHE C 80 -7.22 -7.84 -4.95
C PHE C 80 -8.03 -6.58 -4.63
N SER C 81 -9.21 -6.78 -4.07
CA SER C 81 -10.16 -5.69 -3.86
C SER C 81 -10.32 -5.41 -2.38
N LEU C 82 -10.64 -4.16 -2.06
CA LEU C 82 -10.90 -3.72 -0.71
C LEU C 82 -12.36 -3.28 -0.59
N LYS C 83 -13.04 -3.79 0.43
CA LYS C 83 -14.44 -3.46 0.68
C LYS C 83 -14.55 -2.77 2.04
N LEU C 84 -14.89 -1.49 2.02
CA LEU C 84 -15.04 -0.69 3.24
C LEU C 84 -16.51 -0.30 3.35
N ASN C 85 -17.29 -1.07 4.10
CA ASN C 85 -18.71 -0.81 4.24
C ASN C 85 -18.96 0.23 5.33
N SER C 86 -20.16 0.81 5.29
CA SER C 86 -20.58 1.83 6.24
C SER C 86 -19.60 3.01 6.26
N VAL C 87 -19.48 3.68 5.11
CA VAL C 87 -18.55 4.79 5.00
C VAL C 87 -19.05 5.99 5.79
N THR C 88 -18.11 6.79 6.29
CA THR C 88 -18.42 7.99 7.06
C THR C 88 -17.81 9.19 6.36
N ALA C 89 -18.08 10.38 6.91
CA ALA C 89 -17.59 11.61 6.29
C ALA C 89 -16.07 11.72 6.39
N ALA C 90 -15.48 11.09 7.40
CA ALA C 90 -14.04 11.17 7.59
C ALA C 90 -13.27 10.16 6.73
N ASP C 91 -13.95 9.40 5.89
CA ASP C 91 -13.29 8.39 5.07
C ASP C 91 -12.77 8.93 3.74
N THR C 92 -12.87 10.24 3.50
CA THR C 92 -12.33 10.82 2.28
C THR C 92 -10.81 10.75 2.29
N ALA C 93 -10.24 9.92 1.42
CA ALA C 93 -8.79 9.72 1.42
C ALA C 93 -8.38 9.13 0.07
N VAL C 94 -7.09 9.25 -0.22
CA VAL C 94 -6.51 8.65 -1.42
C VAL C 94 -6.01 7.26 -1.07
N TYR C 95 -6.69 6.24 -1.58
CA TYR C 95 -6.40 4.85 -1.25
C TYR C 95 -5.32 4.33 -2.18
N TYR C 96 -4.19 3.91 -1.59
CA TYR C 96 -3.10 3.31 -2.32
C TYR C 96 -3.07 1.81 -2.07
N CYS C 97 -2.55 1.07 -3.04
CA CYS C 97 -2.26 -0.35 -2.87
C CYS C 97 -0.78 -0.61 -3.12
N ALA C 98 -0.12 -1.21 -2.13
CA ALA C 98 1.31 -1.43 -2.18
C ALA C 98 1.63 -2.85 -1.74
N ARG C 99 2.64 -3.43 -2.38
CA ARG C 99 3.12 -4.75 -2.01
C ARG C 99 4.12 -4.65 -0.88
N VAL C 100 4.14 -5.70 -0.04
CA VAL C 100 5.03 -5.78 1.11
C VAL C 100 5.87 -7.04 0.98
N SER C 101 7.17 -6.91 1.23
CA SER C 101 8.07 -8.05 1.10
C SER C 101 8.11 -8.87 2.38
N VAL C 102 7.97 -10.18 2.25
CA VAL C 102 8.01 -11.09 3.38
C VAL C 102 9.09 -12.16 3.24
N GLY C 103 9.85 -12.15 2.15
CA GLY C 103 10.87 -13.17 1.96
C GLY C 103 12.02 -13.10 2.94
N GLY C 104 12.21 -11.96 3.59
CA GLY C 104 13.27 -11.80 4.55
C GLY C 104 12.95 -12.47 5.88
N ARG C 105 13.66 -12.01 6.91
CA ARG C 105 13.44 -12.54 8.25
C ARG C 105 12.11 -12.09 8.82
N LEU C 106 11.76 -10.82 8.64
CA LEU C 106 10.51 -10.27 9.11
C LEU C 106 9.84 -9.47 8.00
N VAL C 107 8.61 -9.03 8.27
CA VAL C 107 7.87 -8.25 7.30
C VAL C 107 8.44 -6.85 7.20
N SER C 108 8.67 -6.38 5.98
CA SER C 108 9.20 -5.04 5.75
C SER C 108 9.07 -4.70 4.27
N THR C 109 9.72 -3.60 3.88
CA THR C 109 9.91 -3.24 2.47
C THR C 109 8.60 -3.01 1.72
N PHE C 110 7.89 -1.92 2.02
CA PHE C 110 6.78 -1.46 1.18
C PHE C 110 7.39 -0.87 -0.08
N ASP C 111 7.76 -1.76 -1.01
CA ASP C 111 8.58 -1.36 -2.15
C ASP C 111 7.79 -0.62 -3.22
N TYR C 112 6.79 -1.26 -3.83
CA TYR C 112 6.07 -0.67 -4.95
C TYR C 112 4.69 -0.22 -4.50
N TRP C 113 4.38 1.04 -4.78
CA TRP C 113 3.10 1.64 -4.44
C TRP C 113 2.31 1.94 -5.69
N GLY C 114 1.03 2.26 -5.52
CA GLY C 114 0.20 2.68 -6.62
C GLY C 114 0.03 4.18 -6.67
N GLN C 115 -0.56 4.65 -7.77
CA GLN C 115 -0.79 6.08 -7.93
C GLN C 115 -1.91 6.60 -7.03
N GLY C 116 -2.80 5.74 -6.57
CA GLY C 116 -3.86 6.14 -5.67
C GLY C 116 -5.00 6.85 -6.40
N THR C 117 -6.17 6.81 -5.77
CA THR C 117 -7.36 7.45 -6.30
C THR C 117 -8.11 8.11 -5.14
N LEU C 118 -8.63 9.31 -5.38
CA LEU C 118 -9.37 10.05 -4.37
C LEU C 118 -10.85 9.69 -4.48
N VAL C 119 -11.37 8.98 -3.49
CA VAL C 119 -12.76 8.55 -3.46
C VAL C 119 -13.47 9.38 -2.39
N THR C 120 -14.31 10.30 -2.82
CA THR C 120 -15.09 11.12 -1.88
C THR C 120 -16.28 10.32 -1.37
N VAL C 121 -16.85 10.78 -0.25
CA VAL C 121 -17.94 10.05 0.40
C VAL C 121 -19.14 10.97 0.58
N ALA C 122 -19.34 11.90 -0.34
CA ALA C 122 -20.46 12.83 -0.27
C ALA C 122 -21.36 12.66 -1.47
N SER C 123 -22.67 12.67 -1.21
CA SER C 123 -23.69 12.59 -2.26
C SER C 123 -24.18 13.96 -2.71
N ALA C 124 -23.42 14.66 -3.55
CA ALA C 124 -23.69 16.05 -3.87
C ALA C 124 -24.17 16.27 -5.31
N SER C 125 -25.03 15.40 -5.84
CA SER C 125 -25.58 15.60 -7.18
C SER C 125 -24.48 15.66 -8.23
N THR C 126 -23.82 14.53 -8.46
CA THR C 126 -22.59 14.50 -9.26
C THR C 126 -22.86 14.78 -10.73
N LYS C 127 -22.93 16.06 -11.09
CA LYS C 127 -23.10 16.43 -12.49
C LYS C 127 -21.77 16.32 -13.22
N GLY C 128 -21.77 16.72 -14.50
CA GLY C 128 -20.58 16.67 -15.31
C GLY C 128 -19.88 18.02 -15.38
N PRO C 129 -18.59 18.00 -15.75
CA PRO C 129 -17.83 19.24 -15.83
C PRO C 129 -18.07 19.96 -17.15
N SER C 130 -17.53 21.17 -17.23
CA SER C 130 -17.61 22.00 -18.42
C SER C 130 -16.27 22.67 -18.67
N VAL C 131 -15.98 22.96 -19.93
CA VAL C 131 -14.73 23.56 -20.34
C VAL C 131 -15.00 24.94 -20.93
N PHE C 132 -14.02 25.84 -20.79
CA PHE C 132 -14.10 27.19 -21.32
C PHE C 132 -12.72 27.64 -21.77
N PRO C 133 -12.59 28.10 -23.02
CA PRO C 133 -11.28 28.51 -23.52
C PRO C 133 -10.86 29.88 -23.00
N LEU C 134 -9.57 30.03 -22.77
CA LEU C 134 -8.99 31.29 -22.32
C LEU C 134 -8.26 31.95 -23.49
N ALA C 135 -8.67 33.16 -23.85
CA ALA C 135 -8.05 33.86 -24.96
C ALA C 135 -6.66 34.35 -24.57
N PRO C 136 -5.67 34.18 -25.45
CA PRO C 136 -4.29 34.61 -25.19
C PRO C 136 -4.13 36.13 -25.20
N GLY C 143 6.74 40.16 -26.14
CA GLY C 143 7.40 38.98 -25.60
C GLY C 143 7.49 37.84 -26.60
N GLY C 144 8.56 37.05 -26.49
CA GLY C 144 8.76 35.93 -27.39
C GLY C 144 7.89 34.73 -27.12
N THR C 145 7.29 34.65 -25.93
CA THR C 145 6.42 33.54 -25.57
C THR C 145 5.08 34.08 -25.10
N ALA C 146 4.08 33.19 -25.07
CA ALA C 146 2.74 33.53 -24.63
C ALA C 146 2.25 32.45 -23.68
N ALA C 147 1.04 32.63 -23.15
CA ALA C 147 0.45 31.68 -22.23
C ALA C 147 -1.07 31.74 -22.34
N LEU C 148 -1.68 30.55 -22.40
CA LEU C 148 -3.13 30.43 -22.45
C LEU C 148 -3.51 29.02 -22.02
N GLY C 149 -4.79 28.85 -21.72
CA GLY C 149 -5.26 27.56 -21.25
C GLY C 149 -6.76 27.43 -21.40
N CYS C 150 -7.33 26.51 -20.63
CA CYS C 150 -8.75 26.22 -20.64
C CYS C 150 -9.29 26.22 -19.21
N LEU C 151 -10.45 26.81 -19.02
CA LEU C 151 -11.09 26.90 -17.71
C LEU C 151 -12.09 25.76 -17.55
N VAL C 152 -12.00 25.05 -16.42
CA VAL C 152 -12.90 23.95 -16.10
C VAL C 152 -13.69 24.35 -14.86
N LYS C 153 -15.01 24.19 -14.91
CA LYS C 153 -15.89 24.58 -13.83
C LYS C 153 -16.98 23.53 -13.62
N ASP C 154 -17.63 23.60 -12.46
CA ASP C 154 -18.79 22.78 -12.14
C ASP C 154 -18.49 21.28 -12.21
N TYR C 155 -17.59 20.84 -11.34
CA TYR C 155 -17.28 19.42 -11.18
C TYR C 155 -17.03 19.12 -9.71
N PHE C 156 -17.79 18.16 -9.16
CA PHE C 156 -17.67 17.82 -7.75
C PHE C 156 -16.50 16.89 -7.48
N PRO C 157 -16.31 15.79 -8.22
CA PRO C 157 -15.16 14.92 -7.94
C PRO C 157 -13.84 15.63 -8.20
N GLU C 158 -12.94 15.57 -7.21
CA GLU C 158 -11.66 16.25 -7.35
C GLU C 158 -10.76 15.67 -8.44
N PRO C 159 -10.61 14.35 -8.59
CA PRO C 159 -9.66 13.84 -9.61
C PRO C 159 -10.08 14.24 -11.02
N VAL C 160 -9.26 15.08 -11.64
CA VAL C 160 -9.45 15.51 -13.02
C VAL C 160 -8.07 15.60 -13.67
N THR C 161 -8.04 15.33 -14.98
CA THR C 161 -6.81 15.35 -15.75
C THR C 161 -6.95 16.33 -16.91
N VAL C 162 -5.92 17.15 -17.12
CA VAL C 162 -5.94 18.17 -18.16
C VAL C 162 -4.71 18.03 -19.05
N SER C 163 -4.23 16.79 -19.22
CA SER C 163 -3.07 16.52 -20.06
C SER C 163 -3.25 17.06 -21.48
N TRP C 164 -2.41 18.01 -21.87
CA TRP C 164 -2.55 18.65 -23.17
C TRP C 164 -2.03 17.74 -24.29
N ASN C 165 -2.77 17.72 -25.39
CA ASN C 165 -2.38 17.01 -26.61
C ASN C 165 -2.08 15.54 -26.33
N SER C 166 -2.91 14.95 -25.44
CA SER C 166 -2.78 13.55 -25.06
C SER C 166 -1.38 13.22 -24.54
N GLY C 167 -0.78 14.17 -23.83
CA GLY C 167 0.54 13.98 -23.25
C GLY C 167 1.67 14.68 -23.97
N ALA C 168 1.39 15.39 -25.05
CA ALA C 168 2.42 16.09 -25.80
C ALA C 168 2.47 17.57 -25.40
N LEU C 169 3.62 18.19 -25.67
CA LEU C 169 3.86 19.59 -25.33
C LEU C 169 3.64 19.84 -23.84
N THR C 170 4.46 19.18 -23.01
CA THR C 170 4.34 19.30 -21.57
C THR C 170 5.11 20.49 -21.02
N SER C 171 5.98 21.11 -21.82
CA SER C 171 6.77 22.23 -21.35
C SER C 171 5.88 23.44 -21.08
N GLY C 172 6.02 24.02 -19.89
CA GLY C 172 5.24 25.18 -19.54
C GLY C 172 3.82 24.87 -19.08
N VAL C 173 3.48 23.60 -18.94
CA VAL C 173 2.14 23.24 -18.48
C VAL C 173 2.07 23.32 -16.96
N HIS C 174 1.07 24.04 -16.47
CA HIS C 174 0.89 24.22 -15.04
C HIS C 174 -0.57 23.96 -14.69
N THR C 175 -0.79 23.18 -13.62
CA THR C 175 -2.13 22.82 -13.16
C THR C 175 -2.33 23.44 -11.78
N PHE C 176 -3.03 24.57 -11.75
CA PHE C 176 -3.26 25.26 -10.50
C PHE C 176 -4.26 24.47 -9.64
N PRO C 177 -4.13 24.50 -8.32
CA PRO C 177 -5.05 23.74 -7.46
C PRO C 177 -6.47 24.28 -7.57
N ALA C 178 -7.45 23.38 -7.43
CA ALA C 178 -8.84 23.76 -7.51
C ALA C 178 -9.31 24.40 -6.21
N VAL C 179 -10.35 25.21 -6.30
CA VAL C 179 -10.94 25.89 -5.15
C VAL C 179 -12.36 25.37 -4.95
N LEU C 180 -12.79 25.29 -3.69
CA LEU C 180 -14.15 24.88 -3.37
C LEU C 180 -15.06 26.11 -3.36
N GLN C 181 -15.87 26.25 -4.40
CA GLN C 181 -16.74 27.41 -4.52
C GLN C 181 -17.85 27.34 -3.46
N SER C 182 -18.58 28.46 -3.33
CA SER C 182 -19.67 28.51 -2.37
C SER C 182 -20.80 27.58 -2.75
N SER C 183 -20.98 27.31 -4.05
CA SER C 183 -22.02 26.40 -4.51
C SER C 183 -21.66 24.94 -4.30
N GLY C 184 -20.45 24.63 -3.83
CA GLY C 184 -20.03 23.26 -3.60
C GLY C 184 -19.25 22.64 -4.73
N LEU C 185 -19.09 23.32 -5.86
CA LEU C 185 -18.37 22.77 -6.99
C LEU C 185 -16.94 23.31 -7.03
N TYR C 186 -16.09 22.60 -7.76
CA TYR C 186 -14.70 23.00 -7.93
C TYR C 186 -14.48 23.65 -9.29
N SER C 187 -13.37 24.37 -9.40
CA SER C 187 -13.00 25.02 -10.65
C SER C 187 -11.51 24.81 -10.89
N LEU C 188 -11.17 24.52 -12.14
CA LEU C 188 -9.79 24.21 -12.52
C LEU C 188 -9.35 25.12 -13.65
N SER C 189 -8.08 25.51 -13.61
CA SER C 189 -7.47 26.33 -14.65
C SER C 189 -6.06 25.81 -14.93
N SER C 190 -5.83 25.37 -16.17
CA SER C 190 -4.54 24.84 -16.58
C SER C 190 -4.08 25.55 -17.84
N VAL C 191 -2.95 26.24 -17.76
CA VAL C 191 -2.40 26.99 -18.87
C VAL C 191 -1.07 26.39 -19.28
N VAL C 192 -0.72 26.58 -20.56
CA VAL C 192 0.53 26.09 -21.13
C VAL C 192 1.27 27.26 -21.76
N THR C 193 2.56 27.36 -21.48
CA THR C 193 3.40 28.41 -22.04
C THR C 193 3.84 28.02 -23.44
N VAL C 194 3.48 28.86 -24.42
CA VAL C 194 3.79 28.58 -25.82
C VAL C 194 4.52 29.78 -26.42
N PRO C 195 5.40 29.56 -27.39
CA PRO C 195 6.10 30.70 -28.01
C PRO C 195 5.13 31.58 -28.78
N SER C 196 5.48 32.86 -28.90
CA SER C 196 4.62 33.80 -29.62
C SER C 196 4.65 33.56 -31.12
N SER C 197 5.71 32.92 -31.62
CA SER C 197 5.80 32.63 -33.05
C SER C 197 4.84 31.53 -33.47
N SER C 198 4.42 30.68 -32.54
CA SER C 198 3.53 29.57 -32.85
C SER C 198 2.06 29.88 -32.57
N LEU C 199 1.65 31.14 -32.69
CA LEU C 199 0.24 31.48 -32.47
C LEU C 199 -0.64 31.06 -33.64
N GLY C 200 -0.06 30.87 -34.82
CA GLY C 200 -0.82 30.46 -35.98
C GLY C 200 -0.82 28.98 -36.26
N THR C 201 0.08 28.22 -35.68
CA THR C 201 0.13 26.78 -35.84
C THR C 201 0.09 26.15 -34.45
N GLN C 202 0.27 24.82 -34.40
CA GLN C 202 0.27 24.07 -33.15
C GLN C 202 -1.02 24.31 -32.37
N THR C 203 -2.13 23.81 -32.93
CA THR C 203 -3.46 23.99 -32.37
C THR C 203 -3.51 23.65 -30.88
N TYR C 204 -3.99 24.59 -30.07
CA TYR C 204 -4.06 24.43 -28.61
C TYR C 204 -5.29 23.65 -28.16
N ILE C 205 -5.46 22.43 -28.63
CA ILE C 205 -6.60 21.61 -28.26
C ILE C 205 -6.38 21.05 -26.85
N CYS C 206 -7.04 21.64 -25.86
CA CYS C 206 -6.91 21.16 -24.49
C CYS C 206 -7.78 19.94 -24.27
N ASN C 207 -7.19 18.91 -23.68
CA ASN C 207 -7.86 17.64 -23.44
C ASN C 207 -8.15 17.48 -21.95
N VAL C 208 -9.39 17.14 -21.63
CA VAL C 208 -9.80 16.87 -20.25
C VAL C 208 -10.41 15.48 -20.20
N ASN C 209 -10.34 14.87 -19.02
CA ASN C 209 -10.88 13.53 -18.80
C ASN C 209 -11.34 13.44 -17.36
N HIS C 210 -12.65 13.24 -17.17
CA HIS C 210 -13.25 13.12 -15.85
C HIS C 210 -13.66 11.66 -15.66
N LYS C 211 -12.80 10.90 -14.98
CA LYS C 211 -13.03 9.48 -14.79
C LYS C 211 -14.31 9.15 -14.01
N PRO C 212 -14.65 9.84 -12.91
CA PRO C 212 -15.89 9.48 -12.20
C PRO C 212 -17.15 9.66 -13.03
N SER C 213 -17.12 10.50 -14.06
CA SER C 213 -18.30 10.74 -14.90
C SER C 213 -18.08 10.27 -16.33
N ASN C 214 -16.88 9.75 -16.64
CA ASN C 214 -16.54 9.24 -17.98
C ASN C 214 -16.75 10.29 -19.06
N THR C 215 -16.37 11.53 -18.80
CA THR C 215 -16.56 12.63 -19.73
C THR C 215 -15.21 13.10 -20.26
N LYS C 216 -15.06 13.12 -21.58
CA LYS C 216 -13.87 13.61 -22.24
C LYS C 216 -14.23 14.68 -23.25
N VAL C 217 -13.72 15.89 -23.03
CA VAL C 217 -14.04 17.04 -23.87
C VAL C 217 -12.73 17.61 -24.42
N ASP C 218 -12.79 18.09 -25.66
CA ASP C 218 -11.64 18.72 -26.30
C ASP C 218 -12.09 20.04 -26.91
N LYS C 219 -11.25 21.06 -26.80
CA LYS C 219 -11.57 22.38 -27.30
C LYS C 219 -10.29 23.17 -27.51
N ARG C 220 -10.30 24.07 -28.49
CA ARG C 220 -9.16 24.92 -28.76
C ARG C 220 -9.04 26.02 -27.72
#